data_6LBT
#
_entry.id   6LBT
#
_cell.length_a   74.971
_cell.length_b   84.577
_cell.length_c   165.393
_cell.angle_alpha   90.000
_cell.angle_beta   90.000
_cell.angle_gamma   90.000
#
_symmetry.space_group_name_H-M   'P 21 21 21'
#
loop_
_entity.id
_entity.type
_entity.pdbx_description
1 polymer KLLA0F20922p,KLLA0F20922p
2 polymer KLLA0C11825p
3 non-polymer GLYCEROL
4 water water
#
loop_
_entity_poly.entity_id
_entity_poly.type
_entity_poly.pdbx_seq_one_letter_code
_entity_poly.pdbx_strand_id
1 'polypeptide(L)'
;DLKPDSISKAITDRLYHISDGKILGFIPNQYLDPESSLIEDDFLLIYVYTYELPLLSAVFVPEYNCYEIAITNVAKFFSK
IGVRSYPHSIKNSLLELKELIDNNRYDITIYKKEFTIGAAKSSKWALKDVVLRSAGSGSDSIAKLENQLKREGVDKIEED
AATRPIELFGTRNPKTVDIIDIKNNVQMDHKDIKVTAKILSIFDNGNNVTIYLTRSGMVGTQCTIENPFEELLKVQIWGR
QNLTLFFGNPNYSYKREELTACIGSIVDFTLIPRVLRVNEYLYIKIWCPIYATLESLLIHSRLEYDNDTLKYENLSDID
;
A,B
2 'polypeptide(L)'
;RSSKLSPKQMKREILGVLIEKSMESKVCKIYEPLLSINLGPGGEATDLKTEPVLHLKFYETFLAQLAEMAIITLDSFTIN
MTNLHNCYRYIITRFQSLINVQIPQITIKYSEIRNFCKLPLLSKKLILQMCKHFLNTTHIGNLIDWWVDPTSEERYKVFF
TYSKSK
;
C,D
#
loop_
_chem_comp.id
_chem_comp.type
_chem_comp.name
_chem_comp.formula
GOL non-polymer GLYCEROL 'C3 H8 O3'
#
# COMPACT_ATOMS: atom_id res chain seq x y z
N ASP A 1 -13.04 14.92 -32.25
CA ASP A 1 -14.05 15.62 -31.46
C ASP A 1 -13.42 16.64 -30.53
N LEU A 2 -14.13 17.74 -30.31
CA LEU A 2 -13.71 18.72 -29.31
C LEU A 2 -13.82 18.10 -27.92
N LYS A 3 -12.70 18.07 -27.21
CA LYS A 3 -12.59 17.48 -25.89
C LYS A 3 -11.73 18.40 -25.04
N PRO A 4 -11.91 18.39 -23.71
CA PRO A 4 -11.09 19.27 -22.87
C PRO A 4 -9.58 19.00 -22.95
N ASP A 5 -9.16 17.86 -23.49
CA ASP A 5 -7.75 17.53 -23.58
C ASP A 5 -7.21 17.61 -25.02
N SER A 6 -7.92 18.27 -25.93
CA SER A 6 -7.65 18.15 -27.36
C SER A 6 -7.10 19.45 -27.97
N ILE A 7 -6.45 20.29 -27.18
CA ILE A 7 -6.02 21.58 -27.73
C ILE A 7 -4.82 21.41 -28.66
N SER A 8 -3.99 20.38 -28.43
CA SER A 8 -2.86 20.14 -29.30
C SER A 8 -3.30 19.77 -30.71
N LYS A 9 -4.54 19.31 -30.87
CA LYS A 9 -5.10 19.02 -32.19
C LYS A 9 -5.89 20.19 -32.76
N ALA A 10 -6.02 21.29 -32.02
CA ALA A 10 -6.79 22.44 -32.48
C ALA A 10 -5.93 23.35 -33.36
N ILE A 11 -6.58 24.01 -34.32
CA ILE A 11 -5.94 24.88 -35.29
C ILE A 11 -6.13 26.33 -34.87
N THR A 12 -5.18 27.18 -35.25
CA THR A 12 -5.26 28.60 -34.92
C THR A 12 -6.30 29.31 -35.78
N ASP A 13 -6.89 30.36 -35.20
CA ASP A 13 -7.89 31.21 -35.86
C ASP A 13 -9.11 30.41 -36.29
N ARG A 14 -9.37 29.31 -35.61
CA ARG A 14 -10.48 28.41 -35.89
C ARG A 14 -11.40 28.40 -34.68
N LEU A 15 -12.68 28.68 -34.89
CA LEU A 15 -13.65 28.71 -33.80
C LEU A 15 -14.23 27.33 -33.55
N TYR A 16 -14.31 26.96 -32.28
CA TYR A 16 -14.83 25.67 -31.85
C TYR A 16 -16.04 25.89 -30.97
N HIS A 17 -17.04 25.00 -31.10
CA HIS A 17 -18.36 25.21 -30.52
C HIS A 17 -18.63 24.19 -29.42
N ILE A 18 -18.94 24.70 -28.23
CA ILE A 18 -19.44 23.90 -27.13
C ILE A 18 -20.95 24.09 -27.06
N SER A 19 -21.69 23.09 -27.51
CA SER A 19 -23.14 23.16 -27.48
C SER A 19 -23.66 22.69 -26.12
N ASP A 20 -24.54 23.50 -25.53
CA ASP A 20 -25.24 23.15 -24.29
C ASP A 20 -24.24 22.84 -23.17
N GLY A 21 -23.58 23.91 -22.72
CA GLY A 21 -22.57 23.80 -21.69
C GLY A 21 -23.04 24.38 -20.37
N LYS A 22 -22.54 23.81 -19.28
CA LYS A 22 -22.80 24.31 -17.94
C LYS A 22 -21.53 24.96 -17.42
N ILE A 23 -21.60 26.25 -17.12
CA ILE A 23 -20.47 26.95 -16.52
C ILE A 23 -20.44 26.60 -15.05
N LEU A 24 -19.51 25.73 -14.65
CA LEU A 24 -19.47 25.23 -13.28
C LEU A 24 -19.12 26.36 -12.31
N GLY A 25 -18.16 27.19 -12.65
CA GLY A 25 -17.66 28.20 -11.75
C GLY A 25 -16.53 28.95 -12.40
N PHE A 26 -15.80 29.70 -11.57
CA PHE A 26 -14.80 30.60 -12.11
C PHE A 26 -13.82 30.97 -11.01
N ILE A 27 -12.60 31.32 -11.43
CA ILE A 27 -11.54 31.73 -10.52
C ILE A 27 -10.93 33.03 -11.04
N PRO A 28 -10.77 34.06 -10.19
CA PRO A 28 -11.07 34.07 -8.75
C PRO A 28 -12.56 34.20 -8.45
N ASN A 29 -12.92 34.15 -7.17
CA ASN A 29 -14.31 34.22 -6.75
C ASN A 29 -14.37 34.61 -5.28
N GLN A 30 -15.60 34.69 -4.76
CA GLN A 30 -15.82 35.08 -3.37
C GLN A 30 -15.36 34.04 -2.38
N TYR A 31 -15.12 32.80 -2.83
CA TYR A 31 -14.72 31.74 -1.91
C TYR A 31 -13.21 31.66 -1.76
N LEU A 32 -12.46 32.08 -2.77
CA LEU A 32 -11.00 32.08 -2.74
C LEU A 32 -10.43 33.47 -2.50
N ASP A 33 -11.05 34.50 -3.06
CA ASP A 33 -10.62 35.89 -2.88
C ASP A 33 -11.74 36.69 -2.25
N PRO A 34 -11.83 36.72 -0.92
CA PRO A 34 -12.63 37.78 -0.30
C PRO A 34 -12.05 39.15 -0.65
N GLU A 35 -12.88 40.17 -0.47
CA GLU A 35 -12.60 41.55 -0.88
C GLU A 35 -12.74 41.68 -2.40
N SER A 36 -13.00 42.90 -2.87
CA SER A 36 -13.19 43.16 -4.30
C SER A 36 -11.82 43.19 -4.98
N SER A 37 -11.28 42.00 -5.20
CA SER A 37 -9.99 41.85 -5.87
C SER A 37 -10.16 42.17 -7.36
N LEU A 38 -9.64 43.32 -7.79
CA LEU A 38 -9.89 43.82 -9.14
C LEU A 38 -9.43 42.80 -10.19
N ILE A 39 -10.39 42.35 -11.00
CA ILE A 39 -10.14 41.28 -11.97
C ILE A 39 -9.53 41.88 -13.23
N GLU A 40 -8.35 41.38 -13.61
CA GLU A 40 -7.69 41.84 -14.82
C GLU A 40 -8.01 40.91 -15.99
N ASP A 41 -7.71 41.39 -17.20
CA ASP A 41 -7.93 40.60 -18.40
C ASP A 41 -6.95 39.42 -18.43
N ASP A 42 -7.42 38.29 -18.95
CA ASP A 42 -6.71 37.01 -19.09
C ASP A 42 -6.51 36.30 -17.76
N PHE A 43 -6.82 36.94 -16.63
CA PHE A 43 -6.66 36.29 -15.34
C PHE A 43 -7.98 35.88 -14.72
N LEU A 44 -9.07 35.94 -15.49
CA LEU A 44 -10.33 35.33 -15.13
C LEU A 44 -10.48 34.02 -15.90
N LEU A 45 -10.58 32.92 -15.16
CA LEU A 45 -10.77 31.60 -15.73
C LEU A 45 -12.17 31.11 -15.43
N ILE A 46 -12.77 30.39 -16.38
CA ILE A 46 -14.05 29.72 -16.17
C ILE A 46 -13.88 28.24 -16.46
N TYR A 47 -14.81 27.46 -15.93
CA TYR A 47 -14.76 26.01 -16.00
C TYR A 47 -16.10 25.49 -16.48
N VAL A 48 -16.09 24.72 -17.56
CA VAL A 48 -17.28 24.43 -18.34
C VAL A 48 -17.45 22.92 -18.46
N TYR A 49 -18.64 22.43 -18.15
CA TYR A 49 -18.98 21.02 -18.25
C TYR A 49 -19.96 20.79 -19.39
N THR A 50 -19.71 19.74 -20.16
CA THR A 50 -20.68 19.21 -21.11
C THR A 50 -21.10 17.82 -20.67
N TYR A 51 -22.34 17.48 -20.95
CA TYR A 51 -22.95 16.30 -20.33
C TYR A 51 -22.51 15.00 -20.97
N GLU A 52 -21.67 15.06 -22.00
CA GLU A 52 -21.01 13.87 -22.55
C GLU A 52 -19.88 13.37 -21.66
N LEU A 53 -19.35 14.23 -20.76
CA LEU A 53 -18.12 14.01 -20.02
C LEU A 53 -18.41 13.29 -18.69
N PRO A 54 -17.44 12.54 -18.19
CA PRO A 54 -17.66 11.78 -16.95
C PRO A 54 -18.07 12.69 -15.80
N LEU A 55 -18.92 12.16 -14.93
CA LEU A 55 -19.40 12.88 -13.74
C LEU A 55 -19.14 11.99 -12.54
N LEU A 56 -18.01 12.21 -11.87
CA LEU A 56 -17.58 11.38 -10.75
C LEU A 56 -18.14 11.89 -9.42
N SER A 57 -18.08 13.20 -9.20
CA SER A 57 -18.43 13.80 -7.92
C SER A 57 -18.49 15.31 -8.08
N ALA A 58 -18.45 16.04 -6.97
CA ALA A 58 -18.44 17.50 -7.00
C ALA A 58 -17.05 18.08 -7.27
N VAL A 59 -16.04 17.25 -7.43
CA VAL A 59 -14.68 17.70 -7.72
C VAL A 59 -14.42 17.44 -9.19
N PHE A 60 -14.32 18.50 -9.98
CA PHE A 60 -14.06 18.34 -11.41
C PHE A 60 -12.58 18.49 -11.69
N VAL A 61 -12.14 17.94 -12.82
CA VAL A 61 -10.72 17.94 -13.13
C VAL A 61 -10.50 18.59 -14.49
N PRO A 62 -9.87 19.77 -14.53
CA PRO A 62 -9.58 20.41 -15.82
C PRO A 62 -8.82 19.47 -16.75
N GLU A 63 -9.08 19.61 -18.04
CA GLU A 63 -8.54 18.80 -19.14
C GLU A 63 -9.05 17.36 -19.11
N TYR A 64 -9.88 16.99 -18.14
CA TYR A 64 -10.50 15.67 -18.11
C TYR A 64 -12.01 15.78 -18.27
N ASN A 65 -12.73 16.23 -17.22
CA ASN A 65 -14.19 16.34 -17.28
C ASN A 65 -14.67 17.79 -17.17
N CYS A 66 -13.85 18.76 -17.56
CA CYS A 66 -14.30 20.13 -17.73
C CYS A 66 -13.23 20.91 -18.50
N TYR A 67 -13.68 21.98 -19.18
CA TYR A 67 -12.81 22.87 -19.92
C TYR A 67 -12.38 24.02 -19.02
N GLU A 68 -11.08 24.33 -19.01
CA GLU A 68 -10.57 25.56 -18.41
C GLU A 68 -10.41 26.59 -19.53
N ILE A 69 -11.13 27.69 -19.41
CA ILE A 69 -11.28 28.66 -20.49
C ILE A 69 -10.91 30.05 -19.98
N ALA A 70 -10.00 30.72 -20.68
CA ALA A 70 -9.58 32.06 -20.31
C ALA A 70 -10.55 33.09 -20.87
N ILE A 71 -10.84 34.11 -20.06
CA ILE A 71 -11.62 35.26 -20.49
C ILE A 71 -10.64 36.34 -20.92
N THR A 72 -10.71 36.75 -22.20
CA THR A 72 -9.76 37.73 -22.70
C THR A 72 -10.17 39.17 -22.44
N ASN A 73 -11.47 39.46 -22.38
CA ASN A 73 -11.97 40.78 -22.01
C ASN A 73 -13.15 40.60 -21.08
N VAL A 74 -12.94 40.91 -19.79
CA VAL A 74 -13.97 40.69 -18.78
C VAL A 74 -15.23 41.48 -19.10
N ALA A 75 -15.07 42.76 -19.45
CA ALA A 75 -16.22 43.64 -19.65
C ALA A 75 -17.15 43.11 -20.73
N LYS A 76 -16.59 42.60 -21.83
CA LYS A 76 -17.44 42.03 -22.87
C LYS A 76 -18.15 40.77 -22.39
N PHE A 77 -17.43 39.90 -21.69
CA PHE A 77 -18.01 38.66 -21.19
C PHE A 77 -19.16 38.96 -20.24
N PHE A 78 -18.92 39.81 -19.24
CA PHE A 78 -19.97 40.18 -18.30
C PHE A 78 -21.14 40.86 -19.02
N SER A 79 -20.83 41.71 -20.00
CA SER A 79 -21.88 42.39 -20.74
C SER A 79 -22.73 41.39 -21.52
N LYS A 80 -22.09 40.44 -22.19
CA LYS A 80 -22.79 39.49 -23.05
C LYS A 80 -23.56 38.44 -22.25
N ILE A 81 -23.06 38.05 -21.08
CA ILE A 81 -23.73 37.01 -20.31
C ILE A 81 -24.83 37.57 -19.42
N GLY A 82 -24.81 38.86 -19.10
CA GLY A 82 -25.90 39.47 -18.39
C GLY A 82 -25.55 40.12 -17.06
N VAL A 83 -24.27 40.32 -16.81
CA VAL A 83 -23.83 40.96 -15.58
C VAL A 83 -24.06 42.46 -15.70
N ARG A 84 -24.52 43.09 -14.61
CA ARG A 84 -24.97 44.48 -14.67
C ARG A 84 -24.28 45.44 -13.70
N SER A 85 -23.38 44.98 -12.84
CA SER A 85 -22.73 45.83 -11.84
C SER A 85 -21.25 46.08 -12.12
N TYR A 86 -20.80 45.81 -13.34
CA TYR A 86 -19.37 45.92 -13.64
C TYR A 86 -19.07 47.21 -14.40
N PRO A 87 -17.93 47.88 -14.14
CA PRO A 87 -16.90 47.48 -13.16
C PRO A 87 -17.04 48.19 -11.83
N HIS A 88 -18.24 48.74 -11.55
CA HIS A 88 -18.43 49.50 -10.33
C HIS A 88 -18.19 48.64 -9.09
N SER A 89 -18.79 47.46 -9.07
CA SER A 89 -18.74 46.57 -7.90
C SER A 89 -18.29 45.19 -8.35
N ILE A 90 -17.07 44.81 -7.96
CA ILE A 90 -16.58 43.47 -8.24
C ILE A 90 -17.42 42.43 -7.51
N LYS A 91 -17.74 42.69 -6.24
CA LYS A 91 -18.45 41.71 -5.43
C LYS A 91 -19.82 41.39 -6.02
N ASN A 92 -20.59 42.42 -6.34
CA ASN A 92 -21.91 42.19 -6.90
C ASN A 92 -21.84 41.65 -8.32
N SER A 93 -20.80 42.00 -9.07
CA SER A 93 -20.62 41.43 -10.40
C SER A 93 -20.52 39.91 -10.33
N LEU A 94 -19.66 39.40 -9.44
CA LEU A 94 -19.48 37.95 -9.32
C LEU A 94 -20.72 37.29 -8.74
N LEU A 95 -21.40 37.97 -7.81
CA LEU A 95 -22.67 37.45 -7.31
C LEU A 95 -23.69 37.36 -8.44
N GLU A 96 -23.72 38.36 -9.32
CA GLU A 96 -24.62 38.30 -10.47
C GLU A 96 -24.18 37.22 -11.45
N LEU A 97 -22.86 37.07 -11.65
CA LEU A 97 -22.35 35.99 -12.48
C LEU A 97 -22.75 34.64 -11.92
N LYS A 98 -22.80 34.50 -10.60
CA LYS A 98 -23.13 33.22 -10.00
C LYS A 98 -24.58 32.83 -10.30
N GLU A 99 -25.50 33.79 -10.18
CA GLU A 99 -26.90 33.50 -10.45
C GLU A 99 -27.13 33.08 -11.89
N LEU A 100 -26.36 33.68 -12.82
CA LEU A 100 -26.59 33.41 -14.24
C LEU A 100 -26.06 32.04 -14.64
N ILE A 101 -24.89 31.67 -14.15
CA ILE A 101 -24.35 30.34 -14.49
C ILE A 101 -25.01 29.24 -13.67
N ASP A 102 -25.59 29.55 -12.52
CA ASP A 102 -26.30 28.53 -11.76
C ASP A 102 -27.60 28.13 -12.44
N ASN A 103 -28.24 29.07 -13.15
CA ASN A 103 -29.59 28.85 -13.65
C ASN A 103 -29.69 28.55 -15.13
N ASN A 104 -28.72 28.99 -15.93
CA ASN A 104 -28.80 28.87 -17.37
C ASN A 104 -27.73 27.93 -17.90
N ARG A 105 -27.89 27.57 -19.17
CA ARG A 105 -26.90 26.87 -19.96
C ARG A 105 -26.61 27.68 -21.22
N TYR A 106 -25.44 27.43 -21.81
CA TYR A 106 -24.92 28.30 -22.85
C TYR A 106 -24.28 27.50 -23.96
N ASP A 107 -24.45 27.99 -25.19
CA ASP A 107 -23.58 27.67 -26.30
C ASP A 107 -22.37 28.59 -26.22
N ILE A 108 -21.17 28.01 -26.26
CA ILE A 108 -19.95 28.75 -26.02
C ILE A 108 -18.99 28.55 -27.20
N THR A 109 -18.32 29.62 -27.60
CA THR A 109 -17.37 29.60 -28.70
C THR A 109 -15.97 29.83 -28.14
N ILE A 110 -15.06 28.92 -28.42
CA ILE A 110 -13.69 29.00 -27.91
C ILE A 110 -12.71 28.84 -29.07
N TYR A 111 -11.48 29.29 -28.82
CA TYR A 111 -10.40 29.21 -29.79
C TYR A 111 -9.09 28.95 -29.08
N LYS A 112 -8.14 28.36 -29.82
CA LYS A 112 -6.82 28.07 -29.30
C LYS A 112 -5.99 29.36 -29.31
N LYS A 113 -5.77 29.92 -28.13
CA LYS A 113 -5.05 31.18 -27.99
C LYS A 113 -3.61 30.92 -27.56
N GLU A 114 -2.66 31.37 -28.36
CA GLU A 114 -1.25 31.26 -28.01
C GLU A 114 -0.88 32.26 -26.93
N PHE A 115 -0.06 31.83 -25.97
CA PHE A 115 0.37 32.72 -24.90
C PHE A 115 1.71 32.24 -24.36
N THR A 116 2.43 33.16 -23.73
CA THR A 116 3.76 32.87 -23.20
C THR A 116 3.70 32.57 -21.72
N ILE A 117 4.52 31.62 -21.28
CA ILE A 117 4.81 31.41 -19.88
C ILE A 117 6.30 31.66 -19.73
N GLY A 118 6.67 32.85 -19.24
CA GLY A 118 8.07 33.23 -19.19
C GLY A 118 8.66 33.33 -20.59
N ALA A 119 9.56 32.41 -20.93
CA ALA A 119 10.11 32.36 -22.28
C ALA A 119 9.39 31.37 -23.18
N ALA A 120 8.72 30.37 -22.63
CA ALA A 120 8.06 29.36 -23.44
C ALA A 120 6.70 29.88 -23.94
N LYS A 121 6.32 29.42 -25.12
CA LYS A 121 5.03 29.75 -25.72
C LYS A 121 4.17 28.49 -25.73
N SER A 122 2.92 28.64 -25.29
CA SER A 122 2.01 27.50 -25.21
C SER A 122 0.61 27.89 -25.66
N SER A 123 -0.35 27.00 -25.47
CA SER A 123 -1.73 27.21 -25.88
C SER A 123 -2.64 27.23 -24.67
N LYS A 124 -3.82 27.82 -24.86
CA LYS A 124 -4.89 27.75 -23.87
C LYS A 124 -6.20 28.08 -24.57
N TRP A 125 -7.29 27.53 -24.05
CA TRP A 125 -8.61 27.85 -24.57
C TRP A 125 -9.01 29.25 -24.13
N ALA A 126 -9.55 30.03 -25.05
CA ALA A 126 -10.03 31.38 -24.75
C ALA A 126 -11.46 31.51 -25.24
N LEU A 127 -12.28 32.23 -24.47
CA LEU A 127 -13.69 32.40 -24.82
C LEU A 127 -13.85 33.53 -25.84
N LYS A 128 -14.65 33.28 -26.87
CA LYS A 128 -14.96 34.26 -27.90
C LYS A 128 -16.37 34.81 -27.77
N ASP A 129 -17.36 33.94 -27.55
CA ASP A 129 -18.74 34.36 -27.46
C ASP A 129 -19.51 33.38 -26.57
N VAL A 130 -20.58 33.89 -25.97
CA VAL A 130 -21.45 33.08 -25.11
C VAL A 130 -22.89 33.44 -25.43
N VAL A 131 -23.73 32.43 -25.63
CA VAL A 131 -25.10 32.63 -26.09
C VAL A 131 -26.04 31.80 -25.22
N LEU A 132 -26.90 32.49 -24.45
CA LEU A 132 -27.92 31.82 -23.67
C LEU A 132 -28.81 30.99 -24.59
N ARG A 133 -29.07 29.75 -24.19
CA ARG A 133 -29.95 28.86 -24.94
C ARG A 133 -31.19 28.53 -24.10
N SER A 134 -32.27 28.19 -24.82
CA SER A 134 -33.56 27.97 -24.17
C SER A 134 -33.48 26.81 -23.18
N ALA A 135 -34.33 26.88 -22.17
CA ALA A 135 -34.37 25.85 -21.14
C ALA A 135 -34.81 24.52 -21.72
N SER A 137 -36.79 21.76 -21.53
CA SER A 137 -35.75 21.43 -20.57
C SER A 137 -35.83 20.00 -20.07
N GLY A 138 -34.67 19.36 -19.96
CA GLY A 138 -34.53 18.10 -19.27
C GLY A 138 -33.81 18.26 -17.95
N SER A 139 -33.55 17.13 -17.31
CA SER A 139 -32.90 17.17 -16.01
C SER A 139 -31.43 17.56 -16.15
N ASP A 140 -30.85 17.97 -15.02
CA ASP A 140 -29.50 18.54 -14.95
C ASP A 140 -28.71 17.77 -13.91
N SER A 141 -27.72 17.00 -14.36
CA SER A 141 -26.95 16.17 -13.44
C SER A 141 -26.18 17.02 -12.44
N ILE A 142 -25.65 18.17 -12.89
CA ILE A 142 -24.96 19.08 -11.99
C ILE A 142 -25.91 19.55 -10.90
N ALA A 143 -27.15 19.88 -11.28
CA ALA A 143 -28.12 20.33 -10.28
C ALA A 143 -28.50 19.20 -9.32
N LYS A 144 -28.62 17.97 -9.84
CA LYS A 144 -28.86 16.84 -8.95
C LYS A 144 -27.68 16.61 -8.02
N LEU A 145 -26.47 16.78 -8.53
CA LEU A 145 -25.27 16.52 -7.73
C LEU A 145 -25.21 17.45 -6.52
N GLU A 146 -25.37 18.75 -6.74
CA GLU A 146 -25.31 19.72 -5.65
C GLU A 146 -26.53 19.67 -4.75
N ASN A 147 -27.63 19.08 -5.21
CA ASN A 147 -28.76 18.83 -4.31
C ASN A 147 -28.41 17.75 -3.30
N GLN A 148 -27.74 16.69 -3.76
CA GLN A 148 -27.21 15.70 -2.83
C GLN A 148 -26.14 16.34 -1.94
N LEU A 149 -25.27 17.17 -2.53
CA LEU A 149 -24.20 17.81 -1.77
C LEU A 149 -24.75 18.73 -0.68
N LYS A 150 -25.92 19.32 -0.90
CA LYS A 150 -26.50 20.19 0.12
C LYS A 150 -27.01 19.38 1.31
N ARG A 151 -27.39 18.13 1.09
CA ARG A 151 -27.79 17.27 2.20
C ARG A 151 -26.59 16.73 2.94
N GLU A 152 -25.62 16.19 2.21
CA GLU A 152 -24.57 15.37 2.79
C GLU A 152 -23.38 16.24 3.20
N GLY A 153 -22.27 15.61 3.53
CA GLY A 153 -21.15 16.32 4.10
C GLY A 153 -20.15 16.88 3.11
N VAL A 154 -20.15 18.21 2.98
CA VAL A 154 -19.02 18.91 2.37
C VAL A 154 -17.77 18.72 3.20
N ASP A 155 -17.91 18.42 4.49
CA ASP A 155 -16.77 18.31 5.40
C ASP A 155 -15.67 17.41 4.85
N LYS A 156 -16.04 16.32 4.18
CA LYS A 156 -15.02 15.39 3.69
C LYS A 156 -14.22 16.00 2.55
N ILE A 157 -14.88 16.80 1.71
CA ILE A 157 -14.19 17.48 0.62
C ILE A 157 -13.27 18.58 1.17
N GLU A 158 -13.74 19.34 2.15
CA GLU A 158 -12.91 20.38 2.73
C GLU A 158 -11.70 19.82 3.46
N GLU A 159 -11.70 18.52 3.76
CA GLU A 159 -10.48 17.90 4.27
C GLU A 159 -9.33 17.98 3.27
N ASP A 160 -9.63 18.18 1.98
CA ASP A 160 -8.62 18.34 0.96
C ASP A 160 -8.59 19.76 0.39
N ALA A 161 -9.04 20.75 1.16
CA ALA A 161 -8.99 22.13 0.69
C ALA A 161 -7.54 22.59 0.57
N ALA A 162 -7.28 23.46 -0.40
CA ALA A 162 -5.89 23.80 -0.73
C ALA A 162 -5.21 24.59 0.38
N THR A 163 -5.97 25.33 1.18
CA THR A 163 -5.38 26.12 2.25
C THR A 163 -5.04 25.31 3.49
N ARG A 164 -5.67 24.14 3.67
CA ARG A 164 -5.32 23.25 4.76
C ARG A 164 -3.81 23.00 4.75
N PRO A 165 -3.14 23.10 5.90
CA PRO A 165 -1.67 22.98 5.91
C PRO A 165 -1.21 21.65 5.34
N ILE A 166 -0.07 21.69 4.65
CA ILE A 166 0.38 20.58 3.82
C ILE A 166 1.24 19.63 4.65
N GLU A 167 0.85 18.36 4.70
CA GLU A 167 1.64 17.33 5.33
C GLU A 167 1.86 16.19 4.34
N LEU A 168 2.96 15.46 4.53
CA LEU A 168 3.17 14.22 3.80
C LEU A 168 2.12 13.20 4.21
N PHE A 169 1.53 12.55 3.22
CA PHE A 169 0.58 11.47 3.53
C PHE A 169 1.28 10.32 4.24
N GLY A 170 2.49 9.98 3.78
CA GLY A 170 3.24 8.93 4.43
C GLY A 170 3.34 7.68 3.59
N THR A 171 3.20 7.82 2.28
CA THR A 171 3.32 6.68 1.39
C THR A 171 4.74 6.12 1.42
N ARG A 172 4.84 4.79 1.45
CA ARG A 172 6.15 4.13 1.53
C ARG A 172 6.78 4.10 0.15
N ASN A 173 7.98 4.69 0.03
CA ASN A 173 8.76 4.77 -1.20
C ASN A 173 7.94 5.30 -2.36
N PRO A 174 7.56 6.59 -2.34
CA PRO A 174 6.70 7.12 -3.40
C PRO A 174 7.36 7.06 -4.77
N LYS A 175 6.52 6.94 -5.80
CA LYS A 175 6.97 6.64 -7.15
C LYS A 175 7.02 7.90 -8.01
N THR A 176 8.09 8.04 -8.79
CA THR A 176 8.17 9.09 -9.78
C THR A 176 7.26 8.76 -10.97
N VAL A 177 6.59 9.79 -11.49
CA VAL A 177 5.44 9.63 -12.37
C VAL A 177 5.51 10.69 -13.46
N ASP A 178 4.92 10.38 -14.62
CA ASP A 178 4.90 11.33 -15.73
C ASP A 178 3.76 12.33 -15.55
N ILE A 179 3.86 13.44 -16.29
CA ILE A 179 2.82 14.47 -16.23
C ILE A 179 1.52 13.92 -16.76
N ILE A 180 1.59 13.17 -17.86
CA ILE A 180 0.42 12.47 -18.40
C ILE A 180 -0.26 11.66 -17.29
N ASP A 181 0.54 10.88 -16.55
CA ASP A 181 -0.03 10.02 -15.51
C ASP A 181 -0.70 10.86 -14.43
N ILE A 182 -0.16 12.04 -14.14
CA ILE A 182 -0.79 12.92 -13.16
C ILE A 182 -2.12 13.43 -13.69
N LYS A 183 -2.16 13.81 -14.98
CA LYS A 183 -3.40 14.32 -15.55
C LYS A 183 -4.48 13.24 -15.58
N ASN A 184 -4.08 11.98 -15.77
CA ASN A 184 -5.01 10.86 -15.67
C ASN A 184 -5.29 10.45 -14.23
N ASN A 185 -4.65 11.06 -13.25
CA ASN A 185 -4.93 10.81 -11.84
C ASN A 185 -6.11 11.69 -11.45
N VAL A 186 -7.30 11.10 -11.43
CA VAL A 186 -8.52 11.85 -11.68
C VAL A 186 -9.49 11.85 -10.49
N GLN A 187 -9.43 10.88 -9.60
CA GLN A 187 -10.19 10.93 -8.35
C GLN A 187 -9.31 11.60 -7.29
N MET A 188 -9.77 11.59 -6.04
CA MET A 188 -8.98 12.13 -4.92
C MET A 188 -8.36 10.94 -4.21
N ASP A 189 -7.08 10.69 -4.50
CA ASP A 189 -6.46 9.40 -4.19
C ASP A 189 -5.96 9.34 -2.74
N HIS A 190 -5.28 10.40 -2.29
CA HIS A 190 -4.54 10.42 -1.03
C HIS A 190 -3.35 9.48 -1.05
N LYS A 191 -2.27 9.87 -1.73
CA LYS A 191 -0.99 9.18 -1.66
C LYS A 191 0.08 10.09 -2.26
N ASP A 192 1.29 9.98 -1.73
CA ASP A 192 2.41 10.81 -2.16
C ASP A 192 2.92 10.32 -3.51
N ILE A 193 2.92 11.21 -4.50
CA ILE A 193 3.48 10.90 -5.82
C ILE A 193 4.49 11.97 -6.18
N LYS A 194 5.48 11.58 -6.98
CA LYS A 194 6.62 12.42 -7.32
C LYS A 194 6.63 12.73 -8.81
N VAL A 195 7.31 13.83 -9.15
CA VAL A 195 7.47 14.24 -10.54
C VAL A 195 8.76 15.05 -10.63
N THR A 196 9.46 14.89 -11.75
CA THR A 196 10.72 15.57 -12.01
C THR A 196 10.55 16.44 -13.24
N ALA A 197 10.66 17.76 -13.08
CA ALA A 197 10.23 18.66 -14.14
C ALA A 197 11.00 19.98 -14.07
N LYS A 198 11.01 20.68 -15.20
CA LYS A 198 11.71 21.95 -15.37
C LYS A 198 10.79 23.11 -15.06
N ILE A 199 11.26 24.06 -14.26
CA ILE A 199 10.45 25.20 -13.88
C ILE A 199 10.40 26.20 -15.03
N LEU A 200 9.21 26.41 -15.57
CA LEU A 200 9.04 27.41 -16.63
C LEU A 200 8.96 28.82 -16.05
N SER A 201 8.31 28.95 -14.89
CA SER A 201 7.99 30.24 -14.29
C SER A 201 7.33 30.00 -12.95
N ILE A 202 7.46 30.95 -12.03
CA ILE A 202 6.75 30.92 -10.76
C ILE A 202 6.18 32.32 -10.52
N PHE A 203 4.88 32.38 -10.25
CA PHE A 203 4.16 33.64 -10.12
C PHE A 203 3.65 33.82 -8.70
N ASP A 204 3.84 35.01 -8.16
CA ASP A 204 3.17 35.43 -6.94
C ASP A 204 1.84 36.06 -7.33
N ASN A 205 0.74 35.42 -6.95
CA ASN A 205 -0.60 35.89 -7.27
C ASN A 205 -1.31 36.46 -6.05
N GLY A 206 -0.57 36.94 -5.07
CA GLY A 206 -1.14 37.59 -3.92
C GLY A 206 -1.43 36.65 -2.77
N ASN A 207 -2.46 35.83 -2.91
CA ASN A 207 -2.83 34.85 -1.90
C ASN A 207 -2.56 33.43 -2.34
N ASN A 208 -1.82 33.25 -3.43
CA ASN A 208 -1.36 31.93 -3.85
C ASN A 208 -0.11 32.10 -4.70
N VAL A 209 0.69 31.05 -4.73
CA VAL A 209 1.87 30.97 -5.59
C VAL A 209 1.63 29.87 -6.61
N THR A 210 1.99 30.13 -7.85
CA THR A 210 1.79 29.21 -8.96
C THR A 210 3.12 28.88 -9.60
N ILE A 211 3.34 27.59 -9.88
CA ILE A 211 4.60 27.09 -10.44
C ILE A 211 4.28 26.29 -11.69
N TYR A 212 4.69 26.80 -12.85
CA TYR A 212 4.49 26.10 -14.11
C TYR A 212 5.65 25.17 -14.39
N LEU A 213 5.33 23.91 -14.68
CA LEU A 213 6.31 22.85 -14.82
C LEU A 213 6.15 22.17 -16.17
N THR A 214 7.28 21.74 -16.75
CA THR A 214 7.26 21.10 -18.05
C THR A 214 8.24 19.94 -18.08
N ARG A 215 7.89 18.92 -18.87
CA ARG A 215 8.77 17.82 -19.23
C ARG A 215 8.76 17.76 -20.76
N SER A 216 9.75 18.37 -21.39
CA SER A 216 9.84 18.35 -22.84
C SER A 216 11.24 18.71 -23.32
N THR A 224 8.57 26.27 -27.52
CA THR A 224 7.14 26.11 -27.75
C THR A 224 6.65 24.75 -27.25
N ILE A 225 5.54 24.76 -26.52
CA ILE A 225 4.95 23.54 -25.95
C ILE A 225 3.79 23.12 -26.84
N GLU A 226 3.97 22.03 -27.59
CA GLU A 226 2.94 21.65 -28.54
C GLU A 226 1.71 21.08 -27.84
N ASN A 227 1.90 20.32 -26.76
CA ASN A 227 0.81 19.61 -26.09
C ASN A 227 0.83 19.96 -24.61
N PRO A 228 0.22 21.08 -24.22
CA PRO A 228 0.15 21.44 -22.80
C PRO A 228 -0.51 20.39 -21.92
N PHE A 229 -1.47 19.62 -22.44
CA PHE A 229 -2.06 18.53 -21.67
C PHE A 229 -0.99 17.54 -21.23
N GLU A 230 -0.16 17.07 -22.15
CA GLU A 230 0.84 16.07 -21.81
C GLU A 230 2.10 16.66 -21.21
N GLU A 231 2.42 17.92 -21.53
CA GLU A 231 3.74 18.47 -21.26
C GLU A 231 3.76 19.63 -20.29
N LEU A 232 2.61 20.17 -19.90
CA LEU A 232 2.54 21.28 -18.95
C LEU A 232 1.76 20.85 -17.70
N LEU A 233 2.29 21.22 -16.53
CA LEU A 233 1.65 20.93 -15.26
C LEU A 233 1.73 22.18 -14.39
N LYS A 234 0.57 22.69 -13.99
CA LYS A 234 0.46 23.83 -13.09
C LYS A 234 0.34 23.34 -11.65
N VAL A 235 1.13 23.92 -10.77
CA VAL A 235 1.22 23.50 -9.37
C VAL A 235 1.11 24.74 -8.49
N GLN A 236 0.37 24.64 -7.38
CA GLN A 236 -0.03 25.83 -6.64
C GLN A 236 0.11 25.64 -5.14
N ILE A 237 0.27 26.76 -4.43
CA ILE A 237 0.38 26.80 -2.98
C ILE A 237 -0.62 27.83 -2.46
N TRP A 238 -1.48 27.41 -1.53
CA TRP A 238 -2.50 28.28 -0.95
C TRP A 238 -2.43 28.21 0.57
N GLY A 239 -2.71 29.33 1.21
CA GLY A 239 -2.88 29.32 2.65
C GLY A 239 -1.74 30.01 3.39
N ARG A 240 -2.09 30.60 4.53
CA ARG A 240 -1.11 31.32 5.35
C ARG A 240 0.08 30.45 5.70
N GLN A 241 -0.17 29.30 6.34
CA GLN A 241 0.93 28.46 6.79
C GLN A 241 1.74 27.92 5.62
N ASN A 242 1.05 27.46 4.58
CA ASN A 242 1.75 26.94 3.40
C ASN A 242 2.61 28.01 2.75
N LEU A 243 2.07 29.21 2.59
CA LEU A 243 2.82 30.28 1.93
C LEU A 243 3.95 30.80 2.82
N THR A 244 3.66 31.01 4.11
CA THR A 244 4.71 31.40 5.05
C THR A 244 5.89 30.45 5.00
N LEU A 245 5.60 29.14 4.90
CA LEU A 245 6.67 28.16 4.81
C LEU A 245 7.40 28.23 3.47
N PHE A 246 6.69 28.58 2.39
CA PHE A 246 7.34 28.67 1.09
C PHE A 246 8.33 29.82 1.05
N PHE A 247 7.93 31.00 1.53
CA PHE A 247 8.79 32.18 1.49
C PHE A 247 9.79 32.24 2.63
N GLY A 248 9.52 31.57 3.75
CA GLY A 248 10.40 31.68 4.89
C GLY A 248 10.13 32.88 5.76
N ASN A 249 9.00 33.54 5.58
CA ASN A 249 8.61 34.68 6.41
C ASN A 249 7.12 34.88 6.24
N PRO A 250 6.45 35.48 7.23
CA PRO A 250 4.99 35.62 7.16
C PRO A 250 4.50 36.74 6.27
N ASN A 251 5.40 37.54 5.69
CA ASN A 251 5.01 38.68 4.86
C ASN A 251 5.06 38.39 3.36
N TYR A 252 5.48 37.19 2.97
CA TYR A 252 5.62 36.82 1.55
C TYR A 252 6.62 37.73 0.86
N SER A 253 7.66 38.14 1.59
CA SER A 253 8.72 38.97 1.04
C SER A 253 9.70 38.14 0.22
N TYR A 254 10.32 38.80 -0.76
CA TYR A 254 11.30 38.19 -1.66
C TYR A 254 11.78 39.27 -2.61
N LYS A 255 12.98 39.07 -3.15
CA LYS A 255 13.53 39.95 -4.16
C LYS A 255 13.03 39.56 -5.54
N ARG A 256 12.96 40.56 -6.43
CA ARG A 256 12.35 40.39 -7.74
C ARG A 256 12.92 39.18 -8.49
N GLU A 257 14.23 39.13 -8.66
CA GLU A 257 14.86 38.11 -9.48
C GLU A 257 15.12 36.80 -8.75
N GLU A 258 14.64 36.64 -7.52
CA GLU A 258 14.73 35.34 -6.88
C GLU A 258 13.76 34.35 -7.51
N LEU A 259 12.57 34.81 -7.90
CA LEU A 259 11.67 33.95 -8.65
C LEU A 259 12.21 33.66 -10.04
N THR A 260 12.81 34.67 -10.67
CA THR A 260 13.43 34.46 -11.98
C THR A 260 14.58 33.47 -11.90
N ALA A 261 15.35 33.51 -10.80
CA ALA A 261 16.52 32.66 -10.66
C ALA A 261 16.19 31.18 -10.74
N CYS A 262 14.94 30.79 -10.46
CA CYS A 262 14.55 29.39 -10.44
C CYS A 262 14.15 28.86 -11.82
N ILE A 263 13.96 29.75 -12.80
CA ILE A 263 13.57 29.30 -14.13
C ILE A 263 14.68 28.45 -14.72
N GLY A 264 14.30 27.27 -15.24
CA GLY A 264 15.20 26.43 -15.99
C GLY A 264 15.79 25.25 -15.24
N SER A 265 15.68 25.23 -13.92
CA SER A 265 16.24 24.15 -13.13
C SER A 265 15.26 22.99 -13.01
N ILE A 266 15.79 21.77 -13.18
CA ILE A 266 14.99 20.57 -12.98
C ILE A 266 14.86 20.32 -11.48
N VAL A 267 13.62 20.18 -11.01
CA VAL A 267 13.31 20.03 -9.60
C VAL A 267 12.43 18.81 -9.42
N ASP A 268 12.71 18.01 -8.39
CA ASP A 268 11.89 16.87 -8.01
C ASP A 268 10.87 17.32 -6.96
N PHE A 269 9.59 17.21 -7.29
CA PHE A 269 8.52 17.57 -6.37
C PHE A 269 7.82 16.32 -5.84
N THR A 270 7.29 16.43 -4.63
CA THR A 270 6.33 15.49 -4.10
C THR A 270 4.99 16.22 -4.00
N LEU A 271 3.96 15.65 -4.63
CA LEU A 271 2.67 16.32 -4.75
C LEU A 271 1.62 15.58 -3.96
N ILE A 272 0.62 16.32 -3.49
CA ILE A 272 -0.63 15.71 -3.04
C ILE A 272 -1.79 16.46 -3.68
N PRO A 273 -2.94 15.79 -3.83
CA PRO A 273 -4.09 16.45 -4.45
C PRO A 273 -4.82 17.33 -3.44
N ARG A 274 -5.22 18.50 -3.91
CA ARG A 274 -6.04 19.41 -3.14
C ARG A 274 -7.17 19.91 -4.01
N VAL A 275 -8.06 20.70 -3.41
CA VAL A 275 -9.36 21.02 -4.00
C VAL A 275 -9.59 22.52 -3.90
N LEU A 276 -10.03 23.13 -4.99
CA LEU A 276 -10.33 24.55 -5.05
C LEU A 276 -11.81 24.75 -5.30
N ARG A 277 -12.45 25.55 -4.45
CA ARG A 277 -13.86 25.88 -4.60
C ARG A 277 -14.04 26.86 -5.75
N VAL A 278 -14.87 26.51 -6.72
CA VAL A 278 -15.20 27.39 -7.84
C VAL A 278 -16.65 27.85 -7.81
N ASN A 279 -17.50 27.23 -7.01
CA ASN A 279 -18.87 27.66 -6.79
C ASN A 279 -19.27 27.16 -5.41
N GLU A 280 -20.50 27.43 -4.99
CA GLU A 280 -20.87 27.13 -3.61
C GLU A 280 -20.71 25.64 -3.30
N TYR A 281 -21.03 24.77 -4.27
CA TYR A 281 -20.98 23.34 -4.03
C TYR A 281 -20.15 22.59 -5.07
N LEU A 282 -19.29 23.28 -5.82
CA LEU A 282 -18.50 22.64 -6.87
C LEU A 282 -17.03 23.04 -6.74
N TYR A 283 -16.15 22.09 -7.08
CA TYR A 283 -14.72 22.24 -6.85
C TYR A 283 -13.94 21.72 -8.06
N ILE A 284 -12.67 22.15 -8.15
CA ILE A 284 -11.75 21.58 -9.14
C ILE A 284 -10.55 21.02 -8.40
N LYS A 285 -9.95 19.98 -8.99
CA LYS A 285 -8.80 19.33 -8.40
C LYS A 285 -7.52 20.04 -8.82
N ILE A 286 -6.63 20.27 -7.85
CA ILE A 286 -5.34 20.89 -8.11
C ILE A 286 -4.27 20.03 -7.43
N TRP A 287 -3.02 20.33 -7.78
CA TRP A 287 -1.87 19.68 -7.20
C TRP A 287 -1.01 20.71 -6.47
N CYS A 288 -0.40 20.26 -5.37
CA CYS A 288 0.38 21.13 -4.52
C CYS A 288 1.69 20.43 -4.16
N PRO A 289 2.80 21.16 -4.17
CA PRO A 289 4.07 20.58 -3.73
C PRO A 289 4.18 20.59 -2.23
N ILE A 290 4.91 19.60 -1.71
CA ILE A 290 4.98 19.35 -0.28
C ILE A 290 6.30 19.89 0.25
N TYR A 291 6.22 20.75 1.27
CA TYR A 291 7.39 21.30 1.95
C TYR A 291 8.30 22.06 0.99
N ALA A 292 7.72 22.72 0.00
CA ALA A 292 8.51 23.52 -0.91
C ALA A 292 8.87 24.85 -0.27
N THR A 293 10.12 25.28 -0.45
CA THR A 293 10.55 26.61 -0.03
C THR A 293 11.36 27.26 -1.13
N LEU A 294 11.23 28.59 -1.22
CA LEU A 294 12.03 29.36 -2.16
C LEU A 294 13.51 29.22 -1.85
N GLU A 295 13.85 29.30 -0.56
CA GLU A 295 15.17 28.95 -0.04
C GLU A 295 15.81 27.80 -0.81
N SER A 296 15.24 26.59 -0.68
CA SER A 296 15.87 25.41 -1.24
C SER A 296 15.92 25.45 -2.76
N LEU A 297 14.84 25.92 -3.40
CA LEU A 297 14.90 26.19 -4.84
C LEU A 297 16.04 27.15 -5.17
N LEU A 298 16.17 28.23 -4.39
CA LEU A 298 17.20 29.22 -4.65
C LEU A 298 18.59 28.62 -4.46
N ILE A 299 18.79 27.87 -3.37
CA ILE A 299 20.09 27.25 -3.12
C ILE A 299 20.39 26.21 -4.20
N HIS A 300 19.39 25.40 -4.55
CA HIS A 300 19.55 24.45 -5.66
C HIS A 300 19.76 25.18 -6.97
N SER A 301 19.18 26.37 -7.12
CA SER A 301 19.31 27.10 -8.37
C SER A 301 20.76 27.46 -8.65
N ARG A 302 21.52 27.81 -7.62
CA ARG A 302 22.92 28.18 -7.83
C ARG A 302 23.75 26.98 -8.27
N LEU A 303 23.22 25.77 -8.15
CA LEU A 303 23.90 24.56 -8.61
C LEU A 303 23.56 24.24 -10.06
N LEU B 5 36.42 17.18 5.76
CA LEU B 5 37.82 16.95 6.08
C LEU B 5 38.53 16.13 5.01
N SER B 6 37.80 15.25 4.34
CA SER B 6 38.38 14.32 3.38
C SER B 6 37.26 13.79 2.50
N PRO B 7 37.55 12.93 1.50
CA PRO B 7 36.46 12.24 0.79
C PRO B 7 35.64 11.35 1.72
N LYS B 8 36.29 10.36 2.34
CA LYS B 8 35.55 9.38 3.13
C LYS B 8 34.96 10.00 4.41
N GLN B 9 35.63 11.01 4.99
CA GLN B 9 35.17 11.53 6.27
C GLN B 9 33.89 12.34 6.12
N MET B 10 33.78 13.13 5.04
CA MET B 10 32.52 13.82 4.78
C MET B 10 31.38 12.82 4.59
N LYS B 11 31.64 11.70 3.91
CA LYS B 11 30.60 10.70 3.74
C LYS B 11 30.22 10.06 5.07
N ARG B 12 31.22 9.67 5.86
CA ARG B 12 30.95 9.15 7.20
C ARG B 12 30.24 10.20 8.05
N GLU B 13 30.68 11.47 7.95
CA GLU B 13 30.05 12.55 8.69
C GLU B 13 28.57 12.66 8.34
N ILE B 14 28.25 12.66 7.04
CA ILE B 14 26.87 12.80 6.60
C ILE B 14 26.05 11.59 7.03
N LEU B 15 26.57 10.39 6.77
CA LEU B 15 25.86 9.17 7.13
C LEU B 15 25.54 9.13 8.62
N GLY B 16 26.47 9.61 9.45
CA GLY B 16 26.23 9.60 10.89
C GLY B 16 25.18 10.60 11.31
N VAL B 17 25.22 11.82 10.73
CA VAL B 17 24.20 12.81 11.02
C VAL B 17 22.82 12.27 10.66
N LEU B 18 22.69 11.67 9.48
CA LEU B 18 21.42 11.11 9.06
C LEU B 18 20.92 10.06 10.04
N ILE B 19 21.84 9.25 10.57
CA ILE B 19 21.43 8.15 11.45
C ILE B 19 20.88 8.69 12.77
N GLU B 20 21.53 9.71 13.33
CA GLU B 20 21.05 10.29 14.58
C GLU B 20 19.77 11.08 14.35
N LYS B 21 19.65 11.76 13.21
CA LYS B 21 18.41 12.47 12.90
C LYS B 21 17.25 11.50 12.77
N SER B 22 17.48 10.35 12.12
CA SER B 22 16.40 9.41 11.83
C SER B 22 15.84 8.74 13.08
N MET B 23 16.53 8.79 14.21
CA MET B 23 15.88 8.41 15.45
C MET B 23 15.02 9.57 15.96
N GLU B 24 15.50 10.81 15.82
CA GLU B 24 14.75 11.96 16.28
C GLU B 24 13.47 12.14 15.47
N SER B 25 13.60 12.18 14.14
CA SER B 25 12.46 12.43 13.28
C SER B 25 12.65 11.67 11.98
N LYS B 26 11.54 11.17 11.42
CA LYS B 26 11.60 10.40 10.18
C LYS B 26 11.72 11.27 8.93
N VAL B 27 11.73 12.59 9.08
CA VAL B 27 11.74 13.53 7.95
C VAL B 27 12.55 14.77 8.33
N CYS B 28 13.27 15.35 7.36
CA CYS B 28 13.98 16.60 7.61
C CYS B 28 14.28 17.28 6.27
N LYS B 29 14.63 18.57 6.36
CA LYS B 29 14.95 19.35 5.16
C LYS B 29 16.31 18.95 4.62
N ILE B 30 16.45 19.01 3.29
CA ILE B 30 17.62 18.43 2.62
C ILE B 30 18.94 18.98 3.16
N TYR B 31 18.95 20.23 3.62
CA TYR B 31 20.20 20.89 3.98
C TYR B 31 20.40 21.05 5.48
N GLU B 32 19.40 20.70 6.29
CA GLU B 32 19.59 20.56 7.74
C GLU B 32 20.85 19.76 8.09
N PRO B 33 21.10 18.57 7.51
CA PRO B 33 22.32 17.84 7.89
C PRO B 33 23.59 18.61 7.53
N LEU B 34 23.59 19.28 6.37
CA LEU B 34 24.75 20.07 5.98
C LEU B 34 24.94 21.27 6.90
N LEU B 35 23.85 21.89 7.34
CA LEU B 35 23.97 23.06 8.21
C LEU B 35 24.41 22.68 9.62
N SER B 36 24.04 21.49 10.09
CA SER B 36 24.45 21.09 11.44
C SER B 36 25.92 20.72 11.52
N ILE B 37 26.55 20.44 10.38
CA ILE B 37 27.99 20.23 10.35
C ILE B 37 28.73 21.56 10.41
N ASN B 38 28.35 22.48 9.53
CA ASN B 38 29.19 23.64 9.25
C ASN B 38 29.21 24.63 10.40
N LEU B 39 28.07 25.24 10.70
CA LEU B 39 28.03 26.25 11.75
C LEU B 39 28.15 25.67 13.15
N GLY B 40 27.93 24.36 13.32
CA GLY B 40 28.10 23.74 14.62
C GLY B 40 29.45 23.05 14.77
N GLU B 51 25.85 30.88 3.72
CA GLU B 51 25.08 31.19 2.51
C GLU B 51 25.82 30.77 1.24
N PRO B 52 27.04 31.30 0.94
CA PRO B 52 27.69 30.91 -0.33
C PRO B 52 28.73 29.83 -0.13
N VAL B 53 28.58 28.69 -0.81
CA VAL B 53 29.39 27.52 -0.47
C VAL B 53 30.04 26.88 -1.69
N LEU B 54 29.21 26.31 -2.58
CA LEU B 54 29.56 25.78 -3.90
C LEU B 54 29.97 24.31 -3.91
N HIS B 55 30.23 23.69 -2.76
CA HIS B 55 30.46 22.25 -2.75
C HIS B 55 29.19 21.48 -2.41
N LEU B 56 28.03 22.03 -2.75
CA LEU B 56 26.76 21.32 -2.59
C LEU B 56 26.70 20.10 -3.48
N LYS B 57 27.34 20.14 -4.66
CA LYS B 57 27.26 19.03 -5.60
C LYS B 57 27.70 17.72 -4.95
N PHE B 58 28.79 17.75 -4.18
CA PHE B 58 29.24 16.54 -3.50
C PHE B 58 28.18 16.04 -2.53
N TYR B 59 27.62 16.95 -1.73
CA TYR B 59 26.60 16.59 -0.77
C TYR B 59 25.39 15.97 -1.47
N GLU B 60 24.81 16.69 -2.44
CA GLU B 60 23.66 16.17 -3.17
C GLU B 60 23.99 14.85 -3.86
N THR B 61 25.19 14.76 -4.45
CA THR B 61 25.62 13.52 -5.09
C THR B 61 25.63 12.36 -4.11
N PHE B 62 26.10 12.60 -2.89
CA PHE B 62 26.12 11.53 -1.89
C PHE B 62 24.72 11.07 -1.54
N LEU B 63 23.83 12.03 -1.23
CA LEU B 63 22.45 11.70 -0.90
C LEU B 63 21.79 10.89 -2.01
N ALA B 64 22.04 11.25 -3.27
CA ALA B 64 21.47 10.52 -4.39
C ALA B 64 21.96 9.08 -4.43
N GLN B 65 23.23 8.87 -4.07
CA GLN B 65 23.77 7.50 -4.07
C GLN B 65 23.10 6.66 -3.01
N LEU B 66 22.87 7.22 -1.82
CA LEU B 66 22.12 6.50 -0.80
C LEU B 66 20.73 6.14 -1.29
N ALA B 67 20.10 7.06 -2.03
CA ALA B 67 18.72 6.86 -2.47
C ALA B 67 18.63 5.78 -3.55
N GLU B 68 19.69 5.60 -4.34
CA GLU B 68 19.74 4.46 -5.25
C GLU B 68 19.45 3.15 -4.54
N MET B 69 19.88 3.04 -3.28
CA MET B 69 19.61 1.87 -2.46
C MET B 69 18.36 2.00 -1.61
N ALA B 70 17.73 3.16 -1.60
CA ALA B 70 16.46 3.45 -0.90
C ALA B 70 16.58 3.41 0.62
N ILE B 71 17.79 3.52 1.18
CA ILE B 71 17.87 3.70 2.63
C ILE B 71 17.28 5.04 3.04
N ILE B 72 17.39 6.04 2.17
CA ILE B 72 16.61 7.27 2.23
C ILE B 72 15.90 7.40 0.88
N THR B 73 14.82 8.18 0.87
CA THR B 73 14.21 8.62 -0.37
C THR B 73 14.23 10.15 -0.41
N LEU B 74 14.37 10.70 -1.61
CA LEU B 74 14.87 12.05 -1.76
C LEU B 74 13.89 12.97 -2.46
N ASP B 75 13.80 14.19 -1.95
CA ASP B 75 13.05 15.29 -2.52
C ASP B 75 14.06 16.37 -2.90
N SER B 76 13.64 17.34 -3.71
CA SER B 76 14.43 18.56 -3.79
C SER B 76 14.30 19.42 -2.54
N PHE B 77 13.37 19.05 -1.64
CA PHE B 77 13.13 19.78 -0.41
C PHE B 77 13.23 18.95 0.85
N THR B 78 13.23 17.61 0.77
CA THR B 78 13.02 16.79 1.95
C THR B 78 13.83 15.50 1.86
N ILE B 79 14.30 15.04 3.02
CA ILE B 79 14.92 13.73 3.16
C ILE B 79 13.98 12.85 3.98
N ASN B 80 13.49 11.77 3.37
CA ASN B 80 12.66 10.79 4.07
C ASN B 80 13.56 9.70 4.62
N MET B 81 13.60 9.56 5.95
CA MET B 81 14.51 8.63 6.60
C MET B 81 13.79 7.44 7.22
N THR B 82 12.53 7.18 6.84
CA THR B 82 11.78 6.05 7.38
C THR B 82 12.56 4.75 7.26
N ASN B 83 13.06 4.44 6.06
CA ASN B 83 13.83 3.24 5.85
C ASN B 83 15.11 3.24 6.67
N LEU B 84 15.78 4.39 6.76
CA LEU B 84 16.98 4.49 7.58
C LEU B 84 16.64 4.24 9.04
N HIS B 85 15.50 4.74 9.51
CA HIS B 85 15.07 4.50 10.88
C HIS B 85 14.80 3.01 11.12
N ASN B 86 13.93 2.42 10.29
CA ASN B 86 13.61 1.00 10.42
C ASN B 86 14.84 0.11 10.29
N CYS B 87 15.88 0.56 9.59
CA CYS B 87 17.09 -0.24 9.42
C CYS B 87 18.01 -0.13 10.62
N TYR B 88 18.28 1.11 11.06
CA TYR B 88 19.15 1.30 12.22
C TYR B 88 18.50 0.77 13.49
N ARG B 89 17.16 0.82 13.57
CA ARG B 89 16.46 0.27 14.72
C ARG B 89 16.71 -1.23 14.85
N TYR B 90 16.70 -1.94 13.72
CA TYR B 90 16.99 -3.37 13.75
C TYR B 90 18.45 -3.63 14.10
N ILE B 91 19.35 -2.72 13.73
CA ILE B 91 20.76 -2.90 14.07
C ILE B 91 20.97 -2.72 15.56
N ILE B 92 20.25 -1.78 16.16
CA ILE B 92 20.29 -1.62 17.61
C ILE B 92 19.78 -2.89 18.29
N THR B 93 18.61 -3.36 17.86
CA THR B 93 18.01 -4.55 18.48
C THR B 93 18.94 -5.75 18.38
N ARG B 94 19.49 -5.98 17.17
CA ARG B 94 20.33 -7.15 16.96
C ARG B 94 21.61 -7.08 17.80
N PHE B 95 22.34 -5.96 17.72
CA PHE B 95 23.69 -5.92 18.27
C PHE B 95 23.68 -5.63 19.76
N GLN B 96 22.79 -4.75 20.23
CA GLN B 96 22.69 -4.51 21.66
C GLN B 96 22.40 -5.80 22.41
N SER B 97 21.57 -6.68 21.81
CA SER B 97 21.31 -7.98 22.41
C SER B 97 22.60 -8.79 22.53
N LEU B 98 23.42 -8.79 21.47
CA LEU B 98 24.66 -9.56 21.53
C LEU B 98 25.61 -8.98 22.57
N ILE B 99 25.57 -7.67 22.77
CA ILE B 99 26.43 -7.04 23.76
C ILE B 99 25.94 -7.37 25.17
N ASN B 100 24.61 -7.38 25.37
CA ASN B 100 24.03 -7.63 26.68
C ASN B 100 24.57 -8.91 27.28
N VAL B 101 24.65 -9.97 26.48
CA VAL B 101 25.15 -11.26 26.93
C VAL B 101 26.65 -11.40 26.73
N GLN B 102 27.30 -10.39 26.12
CA GLN B 102 28.74 -10.36 25.93
C GLN B 102 29.22 -11.57 25.11
N ILE B 103 28.59 -11.74 23.95
CA ILE B 103 28.99 -12.78 23.00
C ILE B 103 30.32 -12.39 22.37
N PRO B 104 31.24 -13.33 22.14
CA PRO B 104 32.53 -12.96 21.56
C PRO B 104 32.50 -12.74 20.05
N GLN B 105 31.66 -13.44 19.29
CA GLN B 105 31.62 -13.22 17.85
C GLN B 105 30.29 -13.71 17.28
N ILE B 106 29.96 -13.16 16.12
CA ILE B 106 28.74 -13.52 15.40
C ILE B 106 29.02 -13.49 13.91
N THR B 107 28.34 -14.35 13.17
CA THR B 107 28.31 -14.30 11.71
C THR B 107 26.93 -13.84 11.27
N ILE B 108 26.90 -12.87 10.36
CA ILE B 108 25.64 -12.28 9.90
C ILE B 108 25.60 -12.28 8.40
N LYS B 109 24.53 -12.84 7.83
CA LYS B 109 24.28 -12.72 6.40
C LYS B 109 23.74 -11.33 6.11
N TYR B 110 24.26 -10.70 5.07
CA TYR B 110 23.76 -9.39 4.67
C TYR B 110 22.27 -9.45 4.33
N SER B 111 21.79 -10.59 3.82
CA SER B 111 20.39 -10.70 3.45
C SER B 111 19.46 -10.56 4.64
N GLU B 112 19.94 -10.87 5.85
CA GLU B 112 19.11 -10.75 7.04
C GLU B 112 18.64 -9.32 7.23
N ILE B 113 19.56 -8.36 7.13
CA ILE B 113 19.17 -6.96 7.26
C ILE B 113 18.34 -6.53 6.07
N ARG B 114 18.70 -7.00 4.87
CA ARG B 114 17.94 -6.66 3.68
C ARG B 114 16.51 -7.13 3.80
N ASN B 115 16.32 -8.42 4.08
CA ASN B 115 14.97 -8.99 4.15
C ASN B 115 14.13 -8.28 5.19
N PHE B 116 14.71 -8.01 6.36
CA PHE B 116 13.93 -7.44 7.46
C PHE B 116 13.37 -6.08 7.09
N CYS B 117 14.21 -5.21 6.54
CA CYS B 117 13.83 -3.83 6.26
C CYS B 117 13.23 -3.64 4.88
N LYS B 118 13.09 -4.72 4.10
CA LYS B 118 12.60 -4.64 2.72
C LYS B 118 13.45 -3.67 1.91
N LEU B 119 14.75 -3.98 1.83
CA LEU B 119 15.74 -3.13 1.17
C LEU B 119 16.72 -4.03 0.40
N PRO B 120 16.28 -4.58 -0.73
CA PRO B 120 17.16 -5.50 -1.47
C PRO B 120 18.44 -4.84 -1.99
N LEU B 121 18.39 -3.54 -2.29
CA LEU B 121 19.52 -2.86 -2.92
C LEU B 121 20.56 -2.37 -1.92
N LEU B 122 20.40 -2.68 -0.63
CA LEU B 122 21.42 -2.34 0.36
C LEU B 122 22.73 -3.05 0.04
N SER B 123 23.83 -2.30 0.11
CA SER B 123 25.14 -2.85 -0.22
C SER B 123 25.89 -3.27 1.03
N LYS B 124 26.95 -4.06 0.81
CA LYS B 124 27.85 -4.43 1.91
C LYS B 124 28.37 -3.20 2.63
N LYS B 125 28.95 -2.26 1.87
CA LYS B 125 29.60 -1.09 2.45
C LYS B 125 28.71 -0.37 3.44
N LEU B 126 27.44 -0.13 3.06
CA LEU B 126 26.56 0.64 3.92
C LEU B 126 26.14 -0.15 5.15
N ILE B 127 25.83 -1.43 4.99
CA ILE B 127 25.44 -2.25 6.12
C ILE B 127 26.55 -2.27 7.17
N LEU B 128 27.80 -2.41 6.71
CA LEU B 128 28.93 -2.42 7.63
C LEU B 128 29.12 -1.04 8.26
N GLN B 129 29.05 0.02 7.44
CA GLN B 129 29.17 1.37 7.97
C GLN B 129 28.14 1.64 9.05
N MET B 130 26.89 1.24 8.81
CA MET B 130 25.83 1.48 9.78
C MET B 130 26.07 0.70 11.07
N CYS B 131 26.52 -0.55 10.94
CA CYS B 131 26.84 -1.34 12.13
C CYS B 131 28.02 -0.72 12.89
N LYS B 132 29.05 -0.26 12.17
CA LYS B 132 30.20 0.33 12.85
C LYS B 132 29.80 1.62 13.58
N HIS B 133 28.84 2.37 13.03
CA HIS B 133 28.34 3.54 13.73
C HIS B 133 27.76 3.14 15.07
N PHE B 134 26.97 2.06 15.10
CA PHE B 134 26.35 1.64 16.35
C PHE B 134 27.40 1.20 17.37
N LEU B 135 28.48 0.57 16.91
CA LEU B 135 29.47 0.06 17.86
C LEU B 135 30.34 1.17 18.42
N ASN B 136 30.54 2.25 17.66
CA ASN B 136 31.26 3.41 18.16
C ASN B 136 30.40 4.31 19.03
N THR B 137 29.07 4.15 18.96
CA THR B 137 28.13 5.06 19.60
C THR B 137 27.55 4.51 20.89
N THR B 138 27.31 3.20 20.95
CA THR B 138 26.56 2.60 22.05
C THR B 138 27.21 2.91 23.40
N HIS B 139 26.37 3.24 24.38
CA HIS B 139 26.82 3.45 25.75
C HIS B 139 26.44 2.31 26.69
N ILE B 140 25.63 1.37 26.23
CA ILE B 140 25.05 0.34 27.07
C ILE B 140 25.91 -0.92 26.94
N GLY B 141 26.55 -1.30 28.04
CA GLY B 141 27.34 -2.52 28.08
C GLY B 141 28.80 -2.25 28.41
N ASN B 142 29.55 -3.35 28.51
CA ASN B 142 30.98 -3.31 28.75
C ASN B 142 31.77 -3.56 27.47
N LEU B 143 31.24 -3.11 26.33
CA LEU B 143 31.99 -3.17 25.09
C LEU B 143 33.10 -2.11 25.13
N ILE B 144 34.26 -2.46 24.58
CA ILE B 144 35.39 -1.54 24.58
C ILE B 144 36.16 -1.65 23.27
N ASP B 145 36.02 -2.77 22.57
CA ASP B 145 36.66 -2.95 21.29
C ASP B 145 35.84 -3.91 20.45
N TRP B 146 36.04 -3.83 19.12
CA TRP B 146 35.31 -4.67 18.19
C TRP B 146 36.05 -4.72 16.86
N TRP B 147 35.73 -5.71 16.05
CA TRP B 147 36.37 -5.88 14.75
C TRP B 147 35.40 -6.57 13.79
N VAL B 148 35.35 -6.07 12.55
CA VAL B 148 34.44 -6.55 11.54
C VAL B 148 35.26 -7.22 10.45
N ASP B 149 35.04 -8.52 10.24
CA ASP B 149 35.66 -9.25 9.16
C ASP B 149 34.65 -9.41 8.03
N PRO B 150 34.88 -8.84 6.87
CA PRO B 150 34.00 -9.14 5.72
C PRO B 150 34.39 -10.47 5.07
N THR B 151 34.00 -11.55 5.74
CA THR B 151 34.39 -12.90 5.33
C THR B 151 34.10 -13.16 3.86
N SER B 152 32.85 -12.99 3.46
CA SER B 152 32.42 -13.37 2.12
C SER B 152 31.48 -12.30 1.58
N GLU B 153 30.93 -12.56 0.40
CA GLU B 153 29.92 -11.68 -0.17
C GLU B 153 28.57 -11.89 0.50
N GLU B 154 28.32 -13.08 1.04
CA GLU B 154 27.07 -13.35 1.75
C GLU B 154 27.16 -13.02 3.24
N ARG B 155 28.33 -13.23 3.85
CA ARG B 155 28.46 -13.16 5.29
C ARG B 155 29.51 -12.14 5.71
N TYR B 156 29.35 -11.62 6.92
CA TYR B 156 30.40 -10.91 7.62
C TYR B 156 30.40 -11.32 9.08
N LYS B 157 31.60 -11.38 9.66
CA LYS B 157 31.79 -11.75 11.06
C LYS B 157 32.16 -10.51 11.86
N VAL B 158 31.62 -10.42 13.07
CA VAL B 158 31.90 -9.33 13.98
C VAL B 158 32.38 -9.91 15.30
N PHE B 159 33.54 -9.43 15.76
CA PHE B 159 34.12 -9.87 17.02
C PHE B 159 33.99 -8.76 18.05
N PHE B 160 33.70 -9.14 19.28
CA PHE B 160 33.50 -8.19 20.38
C PHE B 160 34.52 -8.47 21.47
N THR B 161 35.02 -7.38 22.08
CA THR B 161 35.96 -7.47 23.19
C THR B 161 35.46 -6.59 24.34
N TYR B 162 35.49 -7.14 25.55
CA TYR B 162 34.88 -6.52 26.71
C TYR B 162 35.90 -6.26 27.80
N SER B 163 35.68 -5.18 28.56
CA SER B 163 36.61 -4.83 29.63
C SER B 163 36.41 -5.73 30.85
N LYS B 164 35.17 -6.07 31.16
CA LYS B 164 34.83 -6.95 32.26
C LYS B 164 34.15 -8.20 31.71
N SER B 165 34.04 -9.21 32.55
CA SER B 165 33.24 -10.38 32.24
C SER B 165 32.19 -10.60 33.33
N ASP C 1 27.39 -22.65 15.91
CA ASP C 1 26.60 -21.78 16.77
C ASP C 1 25.14 -22.23 16.85
N LEU C 2 24.72 -22.60 18.06
CA LEU C 2 23.37 -23.10 18.27
C LEU C 2 22.36 -21.96 18.13
N LYS C 3 21.44 -22.12 17.19
CA LYS C 3 20.45 -21.10 16.86
C LYS C 3 19.12 -21.79 16.57
N PRO C 4 18.00 -21.07 16.71
CA PRO C 4 16.70 -21.70 16.45
C PRO C 4 16.51 -22.21 15.03
N ASP C 5 17.33 -21.76 14.08
CA ASP C 5 17.22 -22.20 12.69
C ASP C 5 18.32 -23.20 12.31
N SER C 6 19.09 -23.70 13.28
CA SER C 6 20.31 -24.45 12.99
C SER C 6 20.15 -25.95 13.17
N ILE C 7 18.93 -26.47 13.21
CA ILE C 7 18.77 -27.90 13.43
C ILE C 7 19.27 -28.72 12.25
N SER C 8 19.39 -28.12 11.07
CA SER C 8 19.97 -28.82 9.94
C SER C 8 21.44 -29.15 10.18
N LYS C 9 22.14 -28.30 10.95
CA LYS C 9 23.54 -28.52 11.25
C LYS C 9 23.77 -29.29 12.54
N ALA C 10 22.71 -29.69 13.24
CA ALA C 10 22.85 -30.43 14.49
C ALA C 10 23.08 -31.91 14.22
N ILE C 11 23.99 -32.49 15.00
CA ILE C 11 24.29 -33.92 14.92
C ILE C 11 23.25 -34.69 15.75
N THR C 12 22.91 -35.89 15.28
CA THR C 12 21.96 -36.72 15.99
C THR C 12 22.59 -37.33 17.23
N ASP C 13 21.80 -37.48 18.28
CA ASP C 13 22.19 -38.10 19.54
C ASP C 13 23.24 -37.30 20.31
N ARG C 14 23.30 -36.00 20.08
CA ARG C 14 24.15 -35.09 20.85
C ARG C 14 23.28 -34.09 21.59
N LEU C 15 23.67 -33.76 22.81
CA LEU C 15 22.93 -32.82 23.65
C LEU C 15 23.47 -31.41 23.46
N TYR C 16 22.57 -30.46 23.21
CA TYR C 16 22.93 -29.06 23.00
C TYR C 16 22.44 -28.23 24.18
N HIS C 17 23.14 -27.13 24.44
CA HIS C 17 23.06 -26.42 25.71
C HIS C 17 22.52 -25.01 25.53
N ILE C 18 21.47 -24.68 26.28
CA ILE C 18 20.84 -23.37 26.28
C ILE C 18 21.16 -22.71 27.62
N SER C 19 21.94 -21.64 27.57
CA SER C 19 22.35 -20.95 28.79
C SER C 19 21.35 -19.84 29.12
N ASP C 20 20.87 -19.83 30.35
CA ASP C 20 20.09 -18.72 30.90
C ASP C 20 18.90 -18.37 29.99
N GLY C 21 18.01 -19.35 29.82
CA GLY C 21 16.89 -19.19 28.92
C GLY C 21 15.63 -18.72 29.62
N LYS C 22 14.83 -17.95 28.89
CA LYS C 22 13.50 -17.53 29.34
C LYS C 22 12.47 -18.38 28.60
N ILE C 23 11.72 -19.18 29.35
CA ILE C 23 10.63 -19.95 28.77
C ILE C 23 9.44 -19.00 28.61
N LEU C 24 9.21 -18.54 27.38
CA LEU C 24 8.20 -17.53 27.11
C LEU C 24 6.80 -18.05 27.40
N GLY C 25 6.54 -19.31 27.06
CA GLY C 25 5.21 -19.85 27.21
C GLY C 25 5.17 -21.27 26.69
N PHE C 26 3.95 -21.75 26.45
CA PHE C 26 3.79 -23.15 26.11
C PHE C 26 2.44 -23.36 25.44
N ILE C 27 2.37 -24.44 24.66
CA ILE C 27 1.14 -24.85 23.98
C ILE C 27 0.93 -26.33 24.20
N PRO C 28 -0.29 -26.78 24.57
CA PRO C 28 -1.51 -25.99 24.77
C PRO C 28 -1.51 -25.23 26.10
N ASN C 29 -2.56 -24.44 26.33
CA ASN C 29 -2.67 -23.66 27.56
C ASN C 29 -4.12 -23.20 27.70
N GLN C 30 -4.37 -22.42 28.75
CA GLN C 30 -5.71 -21.93 29.05
C GLN C 30 -6.28 -21.10 27.90
N TYR C 31 -5.42 -20.41 27.15
CA TYR C 31 -5.91 -19.45 26.16
C TYR C 31 -6.37 -20.12 24.87
N LEU C 32 -5.71 -21.22 24.48
CA LEU C 32 -6.05 -21.94 23.26
C LEU C 32 -6.92 -23.16 23.52
N ASP C 33 -6.91 -23.70 24.73
CA ASP C 33 -7.79 -24.81 25.11
C ASP C 33 -8.48 -24.46 26.42
N PRO C 34 -9.65 -23.84 26.37
CA PRO C 34 -10.51 -23.80 27.56
C PRO C 34 -10.90 -25.23 27.93
N GLU C 35 -10.94 -25.50 29.24
CA GLU C 35 -11.02 -26.84 29.82
C GLU C 35 -9.70 -27.58 29.62
N SER C 36 -9.39 -28.50 30.51
CA SER C 36 -8.08 -29.13 30.56
C SER C 36 -7.98 -30.23 29.50
N SER C 37 -7.44 -29.87 28.34
CA SER C 37 -7.19 -30.86 27.29
C SER C 37 -6.01 -31.73 27.70
N LEU C 38 -6.27 -33.03 27.90
CA LEU C 38 -5.27 -33.95 28.44
C LEU C 38 -3.94 -33.83 27.70
N ILE C 39 -2.91 -33.40 28.42
CA ILE C 39 -1.59 -33.11 27.86
C ILE C 39 -0.88 -34.44 27.63
N GLU C 40 -0.84 -34.88 26.38
CA GLU C 40 -0.22 -36.16 26.04
C GLU C 40 1.28 -36.00 25.88
N ASP C 41 1.98 -37.13 25.88
CA ASP C 41 3.42 -37.12 25.65
C ASP C 41 3.69 -36.77 24.19
N ASP C 42 4.77 -36.01 23.97
CA ASP C 42 5.14 -35.40 22.69
C ASP C 42 4.27 -34.19 22.37
N PHE C 43 3.03 -34.17 22.85
CA PHE C 43 2.13 -33.05 22.56
C PHE C 43 2.07 -32.06 23.73
N LEU C 44 3.25 -31.54 24.06
CA LEU C 44 3.39 -30.32 24.85
C LEU C 44 4.63 -29.60 24.35
N LEU C 45 4.46 -28.34 23.95
CA LEU C 45 5.52 -27.56 23.34
C LEU C 45 5.82 -26.34 24.20
N ILE C 46 7.10 -26.05 24.38
CA ILE C 46 7.51 -24.84 25.08
C ILE C 46 8.33 -23.98 24.14
N TYR C 47 8.37 -22.69 24.44
CA TYR C 47 9.01 -21.69 23.58
C TYR C 47 10.00 -20.90 24.41
N VAL C 48 11.27 -20.96 24.01
CA VAL C 48 12.38 -20.51 24.83
C VAL C 48 13.12 -19.40 24.10
N TYR C 49 13.28 -18.28 24.79
CA TYR C 49 14.08 -17.16 24.33
C TYR C 49 15.43 -17.18 25.03
N THR C 50 16.47 -16.81 24.30
CA THR C 50 17.76 -16.52 24.89
C THR C 50 18.15 -15.09 24.53
N TYR C 51 18.85 -14.43 25.44
CA TYR C 51 19.02 -13.00 25.35
C TYR C 51 20.09 -12.60 24.34
N GLU C 52 20.73 -13.57 23.69
CA GLU C 52 21.53 -13.29 22.50
C GLU C 52 20.66 -12.81 21.34
N LEU C 53 19.39 -13.18 21.34
CA LEU C 53 18.51 -13.13 20.18
C LEU C 53 17.79 -11.78 20.09
N PRO C 54 17.34 -11.41 18.88
CA PRO C 54 16.70 -10.10 18.72
C PRO C 54 15.33 -10.07 19.36
N LEU C 55 15.03 -8.96 20.02
CA LEU C 55 13.71 -8.72 20.62
C LEU C 55 12.96 -7.75 19.74
N LEU C 56 11.98 -8.25 18.98
CA LEU C 56 11.16 -7.38 18.16
C LEU C 56 9.95 -6.85 18.91
N SER C 57 9.18 -7.74 19.51
CA SER C 57 7.92 -7.39 20.16
C SER C 57 7.44 -8.62 20.93
N ALA C 58 6.28 -8.49 21.58
CA ALA C 58 5.67 -9.61 22.27
C ALA C 58 5.25 -10.73 21.32
N VAL C 59 5.39 -10.53 20.01
CA VAL C 59 5.09 -11.56 19.03
C VAL C 59 6.42 -12.16 18.59
N PHE C 60 6.67 -13.40 18.99
CA PHE C 60 7.92 -14.08 18.72
C PHE C 60 7.75 -15.06 17.55
N VAL C 61 8.87 -15.44 16.95
CA VAL C 61 8.83 -16.29 15.77
C VAL C 61 9.69 -17.53 15.99
N PRO C 62 9.10 -18.73 16.04
CA PRO C 62 9.92 -19.94 16.11
C PRO C 62 10.87 -20.03 14.92
N GLU C 63 12.05 -20.59 15.16
CA GLU C 63 13.13 -20.74 14.19
C GLU C 63 13.78 -19.40 13.83
N TYR C 64 13.41 -18.31 14.51
CA TYR C 64 14.07 -17.02 14.34
C TYR C 64 14.56 -16.50 15.68
N ASN C 65 13.68 -16.02 16.57
CA ASN C 65 14.11 -15.49 17.86
C ASN C 65 13.54 -16.27 19.05
N CYS C 66 13.21 -17.55 18.86
CA CYS C 66 12.90 -18.43 19.97
C CYS C 66 12.93 -19.87 19.48
N TYR C 67 13.14 -20.79 20.42
CA TYR C 67 13.19 -22.22 20.12
C TYR C 67 11.83 -22.84 20.39
N GLU C 68 11.28 -23.53 19.39
CA GLU C 68 10.17 -24.44 19.62
C GLU C 68 10.75 -25.78 20.06
N ILE C 69 10.41 -26.20 21.28
CA ILE C 69 10.98 -27.42 21.85
C ILE C 69 9.84 -28.33 22.31
N ALA C 70 9.93 -29.60 21.94
CA ALA C 70 8.90 -30.56 22.33
C ALA C 70 9.26 -31.19 23.67
N ILE C 71 8.24 -31.38 24.50
CA ILE C 71 8.39 -32.14 25.74
C ILE C 71 7.97 -33.58 25.46
N THR C 72 8.89 -34.52 25.68
CA THR C 72 8.63 -35.91 25.35
C THR C 72 8.04 -36.72 26.50
N ASN C 73 8.16 -36.23 27.74
CA ASN C 73 7.44 -36.81 28.88
C ASN C 73 6.99 -35.66 29.78
N VAL C 74 5.68 -35.45 29.83
CA VAL C 74 5.14 -34.34 30.58
C VAL C 74 5.49 -34.46 32.06
N ALA C 75 5.31 -35.67 32.61
CA ALA C 75 5.47 -35.85 34.05
C ALA C 75 6.92 -35.67 34.49
N LYS C 76 7.89 -36.05 33.65
CA LYS C 76 9.28 -35.83 34.00
C LYS C 76 9.62 -34.34 34.01
N PHE C 77 9.19 -33.62 32.97
CA PHE C 77 9.42 -32.19 32.89
C PHE C 77 8.80 -31.46 34.07
N PHE C 78 7.53 -31.75 34.37
CA PHE C 78 6.84 -31.09 35.47
C PHE C 78 7.54 -31.35 36.79
N SER C 79 7.91 -32.61 37.05
CA SER C 79 8.68 -32.94 38.24
C SER C 79 10.01 -32.19 38.24
N LYS C 80 10.74 -32.25 37.12
CA LYS C 80 12.07 -31.67 37.07
C LYS C 80 12.06 -30.17 37.32
N ILE C 81 11.03 -29.48 36.85
CA ILE C 81 11.06 -28.02 36.88
C ILE C 81 10.38 -27.44 38.13
N GLY C 82 9.52 -28.20 38.79
CA GLY C 82 8.96 -27.72 40.04
C GLY C 82 7.45 -27.73 40.14
N VAL C 83 6.78 -28.41 39.22
CA VAL C 83 5.32 -28.51 39.29
C VAL C 83 4.94 -29.60 40.27
N ARG C 84 4.04 -29.30 41.20
CA ARG C 84 3.73 -30.19 42.30
C ARG C 84 2.29 -30.71 42.33
N SER C 85 1.44 -30.34 41.38
CA SER C 85 0.04 -30.77 41.40
C SER C 85 -0.30 -31.78 40.31
N TYR C 86 0.67 -32.22 39.53
CA TYR C 86 0.46 -33.15 38.44
C TYR C 86 0.48 -34.58 38.97
N PRO C 87 -0.44 -35.46 38.53
CA PRO C 87 -1.50 -35.20 37.53
C PRO C 87 -2.89 -35.07 38.13
N HIS C 88 -2.96 -34.91 39.45
CA HIS C 88 -4.24 -34.84 40.14
C HIS C 88 -5.08 -33.66 39.65
N SER C 89 -4.44 -32.59 39.20
CA SER C 89 -5.15 -31.39 38.73
C SER C 89 -4.41 -30.87 37.50
N ILE C 90 -4.98 -31.11 36.32
CA ILE C 90 -4.30 -30.78 35.08
C ILE C 90 -4.15 -29.28 34.91
N LYS C 91 -5.19 -28.52 35.26
CA LYS C 91 -5.18 -27.09 35.03
C LYS C 91 -4.48 -26.32 36.14
N ASN C 92 -4.50 -26.83 37.37
CA ASN C 92 -3.72 -26.26 38.46
C ASN C 92 -2.23 -26.51 38.28
N SER C 93 -1.86 -27.51 37.47
CA SER C 93 -0.46 -27.75 37.16
C SER C 93 0.07 -26.72 36.17
N LEU C 94 -0.76 -26.30 35.20
CA LEU C 94 -0.32 -25.24 34.30
C LEU C 94 -0.22 -23.90 35.03
N LEU C 95 -1.01 -23.71 36.09
CA LEU C 95 -0.85 -22.51 36.91
C LEU C 95 0.53 -22.48 37.54
N GLU C 96 0.99 -23.62 38.09
CA GLU C 96 2.30 -23.66 38.71
C GLU C 96 3.41 -23.49 37.68
N LEU C 97 3.23 -24.03 36.47
CA LEU C 97 4.23 -23.89 35.41
C LEU C 97 4.34 -22.45 34.93
N LYS C 98 3.21 -21.74 34.86
CA LYS C 98 3.24 -20.33 34.48
C LYS C 98 3.99 -19.52 35.53
N GLU C 99 3.73 -19.80 36.81
CA GLU C 99 4.47 -19.15 37.88
C GLU C 99 5.97 -19.36 37.74
N LEU C 100 6.39 -20.62 37.57
CA LEU C 100 7.81 -20.93 37.54
C LEU C 100 8.51 -20.28 36.35
N ILE C 101 7.89 -20.34 35.17
CA ILE C 101 8.53 -19.77 33.99
C ILE C 101 8.41 -18.25 33.95
N ASP C 102 7.46 -17.66 34.67
CA ASP C 102 7.38 -16.20 34.70
C ASP C 102 8.40 -15.58 35.64
N ASN C 103 8.88 -16.33 36.63
CA ASN C 103 9.76 -15.79 37.65
C ASN C 103 11.18 -16.33 37.63
N ASN C 104 11.49 -17.30 36.78
CA ASN C 104 12.80 -17.93 36.77
C ASN C 104 13.33 -18.05 35.35
N ARG C 105 14.64 -18.22 35.25
CA ARG C 105 15.32 -18.61 34.03
C ARG C 105 15.99 -19.96 34.25
N TYR C 106 16.23 -20.66 33.14
CA TYR C 106 16.64 -22.05 33.22
C TYR C 106 17.75 -22.36 32.22
N ASP C 107 18.59 -23.32 32.59
CA ASP C 107 19.58 -23.90 31.70
C ASP C 107 19.00 -25.19 31.11
N ILE C 108 18.82 -25.20 29.79
CA ILE C 108 18.06 -26.26 29.12
C ILE C 108 19.00 -27.09 28.27
N THR C 109 18.69 -28.38 28.15
CA THR C 109 19.40 -29.33 27.31
C THR C 109 18.43 -29.88 26.29
N ILE C 110 18.80 -29.79 25.00
CA ILE C 110 17.92 -30.22 23.91
C ILE C 110 18.70 -31.06 22.91
N TYR C 111 17.96 -31.86 22.15
CA TYR C 111 18.56 -32.72 21.13
C TYR C 111 17.72 -32.70 19.87
N LYS C 112 18.38 -32.99 18.75
CA LYS C 112 17.68 -33.23 17.49
C LYS C 112 16.91 -34.53 17.58
N LYS C 113 15.59 -34.49 17.34
CA LYS C 113 14.74 -35.65 17.45
C LYS C 113 14.01 -35.85 16.12
N GLU C 114 14.15 -37.04 15.53
CA GLU C 114 13.57 -37.32 14.23
C GLU C 114 12.11 -37.72 14.39
N PHE C 115 11.25 -37.14 13.55
CA PHE C 115 9.83 -37.48 13.53
C PHE C 115 9.33 -37.42 12.09
N THR C 116 8.30 -38.21 11.80
CA THR C 116 7.78 -38.36 10.45
C THR C 116 6.53 -37.54 10.26
N ILE C 117 6.47 -36.79 9.17
CA ILE C 117 5.25 -36.15 8.70
C ILE C 117 4.80 -36.89 7.46
N GLY C 118 3.65 -37.57 7.55
CA GLY C 118 3.18 -38.37 6.45
C GLY C 118 4.17 -39.45 6.04
N ALA C 119 4.85 -39.24 4.91
CA ALA C 119 5.83 -40.19 4.40
C ALA C 119 7.25 -39.64 4.38
N ALA C 120 7.47 -38.40 4.79
CA ALA C 120 8.80 -37.83 4.90
C ALA C 120 9.29 -37.86 6.34
N LYS C 121 10.59 -37.77 6.51
CA LYS C 121 11.22 -37.74 7.83
C LYS C 121 11.89 -36.40 8.03
N SER C 122 11.63 -35.77 9.17
CA SER C 122 12.15 -34.44 9.48
C SER C 122 12.55 -34.40 10.95
N SER C 123 13.12 -33.27 11.37
CA SER C 123 13.67 -33.12 12.70
C SER C 123 12.91 -32.06 13.49
N LYS C 124 13.08 -32.11 14.81
CA LYS C 124 12.53 -31.10 15.71
C LYS C 124 13.33 -31.15 17.02
N TRP C 125 13.32 -30.03 17.73
CA TRP C 125 13.99 -29.95 19.02
C TRP C 125 13.15 -30.62 20.10
N ALA C 126 13.81 -31.35 21.00
CA ALA C 126 13.15 -32.01 22.11
C ALA C 126 13.95 -31.76 23.39
N LEU C 127 13.24 -31.52 24.49
CA LEU C 127 13.89 -31.16 25.74
C LEU C 127 14.39 -32.40 26.47
N LYS C 128 15.66 -32.37 26.89
CA LYS C 128 16.27 -33.46 27.64
C LYS C 128 16.23 -33.20 29.14
N ASP C 129 16.74 -32.04 29.58
CA ASP C 129 16.82 -31.71 31.00
C ASP C 129 16.67 -30.22 31.18
N VAL C 130 16.14 -29.82 32.34
CA VAL C 130 16.00 -28.42 32.69
C VAL C 130 16.49 -28.21 34.11
N VAL C 131 17.22 -27.11 34.34
CA VAL C 131 17.88 -26.87 35.62
C VAL C 131 17.65 -25.42 36.02
N LEU C 132 17.33 -25.20 37.30
CA LEU C 132 17.01 -23.87 37.80
C LEU C 132 18.24 -22.98 37.76
N ARG C 133 18.00 -21.67 37.80
CA ARG C 133 19.09 -20.70 37.68
C ARG C 133 18.61 -19.35 38.17
N SER C 134 19.44 -18.68 38.98
CA SER C 134 19.19 -17.32 39.43
C SER C 134 20.43 -16.72 40.11
N GLY C 136 20.15 -13.56 39.01
CA GLY C 136 21.04 -12.47 38.64
C GLY C 136 20.34 -11.12 38.57
N SER C 137 21.08 -10.06 38.84
CA SER C 137 20.53 -8.72 38.80
C SER C 137 20.69 -8.13 37.40
N GLY C 138 20.03 -7.00 37.18
CA GLY C 138 19.95 -6.42 35.86
C GLY C 138 18.58 -6.65 35.26
N SER C 139 18.05 -5.65 34.57
CA SER C 139 16.64 -5.68 34.21
C SER C 139 16.37 -6.68 33.09
N ASP C 140 15.19 -7.30 33.14
CA ASP C 140 14.77 -8.30 32.17
C ASP C 140 14.07 -7.62 31.00
N SER C 141 14.63 -7.77 29.80
CA SER C 141 14.03 -7.15 28.62
C SER C 141 12.65 -7.73 28.31
N ILE C 142 12.42 -8.99 28.66
CA ILE C 142 11.12 -9.60 28.42
C ILE C 142 10.09 -9.04 29.40
N ALA C 143 10.46 -8.94 30.68
CA ALA C 143 9.55 -8.40 31.68
C ALA C 143 9.28 -6.91 31.43
N LYS C 144 10.29 -6.17 30.96
CA LYS C 144 10.06 -4.80 30.53
C LYS C 144 9.03 -4.77 29.41
N LEU C 145 9.14 -5.69 28.46
CA LEU C 145 8.21 -5.75 27.35
C LEU C 145 6.77 -5.96 27.83
N GLU C 146 6.55 -6.95 28.70
CA GLU C 146 5.20 -7.28 29.11
C GLU C 146 4.64 -6.34 30.16
N ASN C 147 5.50 -5.57 30.85
CA ASN C 147 4.99 -4.48 31.67
C ASN C 147 4.51 -3.33 30.81
N GLN C 148 5.15 -3.10 29.67
CA GLN C 148 4.63 -2.13 28.71
C GLN C 148 3.30 -2.60 28.14
N LEU C 149 3.23 -3.87 27.72
CA LEU C 149 1.98 -4.41 27.19
C LEU C 149 0.87 -4.37 28.23
N LYS C 150 1.21 -4.59 29.50
CA LYS C 150 0.20 -4.63 30.55
C LYS C 150 -0.46 -3.26 30.74
N ARG C 151 0.23 -2.18 30.38
CA ARG C 151 -0.32 -0.83 30.48
C ARG C 151 -1.11 -0.42 29.24
N GLU C 152 -0.56 -0.62 28.04
CA GLU C 152 -1.20 -0.14 26.83
C GLU C 152 -2.19 -1.14 26.22
N GLY C 153 -2.15 -2.40 26.63
CA GLY C 153 -3.09 -3.40 26.16
C GLY C 153 -2.57 -4.22 24.99
N VAL C 154 -3.25 -5.34 24.76
CA VAL C 154 -2.90 -6.29 23.71
C VAL C 154 -3.90 -6.23 22.55
N ASP C 155 -4.74 -5.19 22.51
CA ASP C 155 -5.85 -5.19 21.56
C ASP C 155 -5.39 -5.22 20.11
N LYS C 156 -4.24 -4.61 19.80
CA LYS C 156 -3.79 -4.58 18.41
C LYS C 156 -3.21 -5.93 17.99
N ILE C 157 -2.57 -6.63 18.93
CA ILE C 157 -2.05 -7.96 18.62
C ILE C 157 -3.19 -8.99 18.60
N GLU C 158 -4.21 -8.81 19.44
CA GLU C 158 -5.32 -9.75 19.46
C GLU C 158 -6.20 -9.66 18.22
N GLU C 159 -6.11 -8.56 17.47
CA GLU C 159 -6.75 -8.51 16.16
C GLU C 159 -6.21 -9.59 15.23
N ASP C 160 -4.98 -10.05 15.48
CA ASP C 160 -4.36 -11.10 14.68
C ASP C 160 -4.40 -12.46 15.38
N ALA C 161 -5.26 -12.62 16.40
CA ALA C 161 -5.44 -13.92 17.01
C ALA C 161 -5.85 -14.94 15.96
N ALA C 162 -5.37 -16.18 16.14
CA ALA C 162 -5.58 -17.20 15.11
C ALA C 162 -7.04 -17.65 15.02
N THR C 163 -7.84 -17.43 16.05
CA THR C 163 -9.22 -17.86 16.03
C THR C 163 -10.16 -16.86 15.37
N ARG C 164 -9.74 -15.63 15.17
CA ARG C 164 -10.58 -14.66 14.47
C ARG C 164 -10.97 -15.23 13.10
N PRO C 165 -12.17 -14.93 12.61
CA PRO C 165 -12.53 -15.38 11.27
C PRO C 165 -11.57 -14.85 10.22
N ILE C 166 -11.20 -15.73 9.29
CA ILE C 166 -10.17 -15.44 8.31
C ILE C 166 -10.78 -14.71 7.12
N GLU C 167 -10.14 -13.62 6.70
CA GLU C 167 -10.50 -12.96 5.45
C GLU C 167 -9.31 -12.18 4.90
N LEU C 168 -9.41 -11.84 3.62
CA LEU C 168 -8.35 -11.13 2.93
C LEU C 168 -8.17 -9.74 3.54
N PHE C 169 -6.91 -9.30 3.59
CA PHE C 169 -6.61 -7.92 3.98
C PHE C 169 -6.92 -6.95 2.85
N GLY C 170 -6.89 -7.41 1.60
CA GLY C 170 -7.17 -6.55 0.47
C GLY C 170 -5.95 -6.01 -0.24
N THR C 171 -4.80 -6.67 -0.11
CA THR C 171 -3.58 -6.24 -0.77
C THR C 171 -3.80 -6.14 -2.27
N ARG C 172 -3.49 -4.97 -2.83
CA ARG C 172 -3.59 -4.77 -4.26
C ARG C 172 -2.49 -5.56 -4.96
N ASN C 173 -2.88 -6.60 -5.71
CA ASN C 173 -2.01 -7.46 -6.51
C ASN C 173 -0.84 -7.98 -5.69
N PRO C 174 -1.06 -9.02 -4.90
CA PRO C 174 0.04 -9.57 -4.09
C PRO C 174 0.89 -10.55 -4.90
N LYS C 175 2.17 -10.58 -4.57
CA LYS C 175 3.16 -11.35 -5.33
C LYS C 175 3.27 -12.76 -4.78
N THR C 176 3.37 -13.72 -5.70
CA THR C 176 3.66 -15.10 -5.32
C THR C 176 5.08 -15.20 -4.81
N VAL C 177 5.30 -16.10 -3.85
CA VAL C 177 6.49 -16.12 -3.03
C VAL C 177 6.83 -17.58 -2.69
N ASP C 178 8.12 -17.83 -2.45
CA ASP C 178 8.58 -19.18 -2.12
C ASP C 178 8.47 -19.44 -0.61
N ILE C 179 8.70 -20.71 -0.24
CA ILE C 179 8.60 -21.10 1.16
C ILE C 179 9.72 -20.47 1.97
N ILE C 180 10.92 -20.40 1.41
CA ILE C 180 12.03 -19.74 2.09
C ILE C 180 11.65 -18.32 2.48
N ASP C 181 10.98 -17.60 1.58
CA ASP C 181 10.69 -16.19 1.82
C ASP C 181 9.66 -16.03 2.93
N ILE C 182 8.71 -16.96 3.03
CA ILE C 182 7.72 -16.91 4.11
C ILE C 182 8.40 -17.11 5.46
N LYS C 183 9.30 -18.10 5.55
CA LYS C 183 9.95 -18.38 6.83
C LYS C 183 10.83 -17.23 7.26
N ASN C 184 11.40 -16.49 6.32
CA ASN C 184 12.14 -15.29 6.64
C ASN C 184 11.25 -14.09 6.91
N ASN C 185 9.95 -14.18 6.58
CA ASN C 185 9.02 -13.11 6.91
C ASN C 185 8.77 -13.14 8.41
N VAL C 186 9.28 -12.14 9.12
CA VAL C 186 9.50 -12.24 10.55
C VAL C 186 8.65 -11.27 11.37
N GLN C 187 8.09 -10.23 10.75
CA GLN C 187 7.23 -9.26 11.42
C GLN C 187 5.77 -9.50 11.06
N MET C 188 4.89 -8.75 11.74
CA MET C 188 3.44 -8.90 11.57
C MET C 188 2.99 -7.93 10.48
N ASP C 189 3.21 -8.35 9.23
CA ASP C 189 3.14 -7.45 8.09
C ASP C 189 1.71 -6.93 7.85
N HIS C 190 0.71 -7.80 8.05
CA HIS C 190 -0.68 -7.53 7.68
C HIS C 190 -0.82 -7.34 6.17
N LYS C 191 -0.53 -8.38 5.40
CA LYS C 191 -0.81 -8.37 3.96
C LYS C 191 -0.87 -9.79 3.45
N ASP C 192 -1.59 -9.96 2.33
CA ASP C 192 -1.82 -11.27 1.77
C ASP C 192 -0.60 -11.73 0.97
N ILE C 193 -0.22 -12.99 1.17
CA ILE C 193 0.95 -13.59 0.53
C ILE C 193 0.50 -14.83 -0.21
N LYS C 194 0.80 -14.90 -1.51
CA LYS C 194 0.49 -16.07 -2.32
C LYS C 194 1.70 -17.02 -2.35
N VAL C 195 1.42 -18.31 -2.27
CA VAL C 195 2.49 -19.32 -2.38
C VAL C 195 1.92 -20.58 -3.00
N THR C 196 2.64 -21.12 -3.98
CA THR C 196 2.33 -22.42 -4.55
C THR C 196 3.21 -23.47 -3.89
N ALA C 197 2.60 -24.57 -3.45
CA ALA C 197 3.36 -25.57 -2.71
C ALA C 197 2.66 -26.92 -2.79
N LYS C 198 3.42 -27.96 -2.44
CA LYS C 198 2.92 -29.33 -2.43
C LYS C 198 2.55 -29.73 -1.00
N ILE C 199 1.40 -30.40 -0.86
CA ILE C 199 0.90 -30.78 0.46
C ILE C 199 1.59 -32.06 0.92
N LEU C 200 2.31 -31.97 2.04
CA LEU C 200 2.97 -33.15 2.61
C LEU C 200 2.00 -34.00 3.41
N SER C 201 1.30 -33.37 4.35
CA SER C 201 0.33 -34.06 5.20
C SER C 201 -0.63 -33.01 5.74
N ILE C 202 -1.59 -33.47 6.54
CA ILE C 202 -2.72 -32.63 6.94
C ILE C 202 -3.40 -33.27 8.13
N PHE C 203 -3.05 -32.82 9.34
CA PHE C 203 -3.52 -33.42 10.57
C PHE C 203 -4.73 -32.67 11.12
N ASP C 204 -5.67 -33.42 11.69
CA ASP C 204 -6.75 -32.86 12.51
C ASP C 204 -6.32 -33.04 13.97
N ASN C 205 -5.84 -31.94 14.57
CA ASN C 205 -5.40 -31.94 15.95
C ASN C 205 -6.53 -31.59 16.91
N GLY C 206 -7.77 -31.91 16.54
CA GLY C 206 -8.91 -31.60 17.37
C GLY C 206 -9.40 -30.18 17.21
N ASN C 207 -8.82 -29.25 17.97
CA ASN C 207 -9.24 -27.85 17.93
C ASN C 207 -8.48 -27.03 16.90
N ASN C 208 -7.67 -27.67 16.04
CA ASN C 208 -7.02 -26.98 14.94
C ASN C 208 -6.59 -27.99 13.90
N VAL C 209 -6.50 -27.52 12.66
CA VAL C 209 -5.99 -28.31 11.55
C VAL C 209 -4.67 -27.69 11.10
N THR C 210 -3.69 -28.56 10.84
CA THR C 210 -2.37 -28.14 10.39
C THR C 210 -2.08 -28.78 9.04
N ILE C 211 -1.64 -27.97 8.08
CA ILE C 211 -1.28 -28.43 6.74
C ILE C 211 0.21 -28.20 6.56
N TYR C 212 0.95 -29.29 6.36
CA TYR C 212 2.39 -29.22 6.14
C TYR C 212 2.67 -29.07 4.65
N LEU C 213 3.36 -27.99 4.28
CA LEU C 213 3.60 -27.64 2.90
C LEU C 213 5.09 -27.74 2.59
N THR C 214 5.38 -28.15 1.35
CA THR C 214 6.76 -28.33 0.90
C THR C 214 6.90 -27.77 -0.52
N ARG C 215 8.16 -27.54 -0.90
CA ARG C 215 8.47 -27.16 -2.27
C ARG C 215 7.81 -28.12 -3.25
N SER C 216 7.25 -27.58 -4.33
CA SER C 216 6.36 -28.38 -5.18
C SER C 216 7.12 -29.38 -6.04
N GLY C 217 8.37 -29.11 -6.39
CA GLY C 217 9.08 -29.98 -7.31
C GLY C 217 9.97 -31.03 -6.67
N MET C 218 9.40 -31.88 -5.83
CA MET C 218 10.15 -32.96 -5.21
C MET C 218 9.43 -34.28 -5.42
N VAL C 219 10.19 -35.37 -5.43
CA VAL C 219 9.66 -36.67 -5.81
C VAL C 219 8.77 -37.21 -4.70
N GLY C 220 7.50 -37.44 -5.03
CA GLY C 220 6.54 -38.04 -4.11
C GLY C 220 6.63 -37.47 -2.72
N THR C 221 6.68 -38.36 -1.71
CA THR C 221 6.91 -37.91 -0.34
C THR C 221 7.81 -38.86 0.43
N GLN C 222 8.62 -39.66 -0.25
CA GLN C 222 9.44 -40.69 0.40
C GLN C 222 10.89 -40.21 0.47
N CYS C 223 11.17 -39.38 1.47
CA CYS C 223 12.47 -38.71 1.51
C CYS C 223 12.69 -38.14 2.91
N THR C 224 13.79 -37.40 3.06
CA THR C 224 14.19 -36.78 4.31
C THR C 224 14.28 -35.27 4.10
N ILE C 225 13.73 -34.52 5.04
CA ILE C 225 13.80 -33.06 5.01
C ILE C 225 15.06 -32.63 5.76
N GLU C 226 16.05 -32.11 5.02
CA GLU C 226 17.36 -31.88 5.61
C GLU C 226 17.41 -30.55 6.38
N ASN C 227 16.67 -29.54 5.92
CA ASN C 227 16.61 -28.23 6.57
C ASN C 227 15.15 -27.85 6.75
N PRO C 228 14.53 -28.25 7.87
CA PRO C 228 13.10 -27.97 8.05
C PRO C 228 12.78 -26.49 8.09
N PHE C 229 13.72 -25.66 8.55
CA PHE C 229 13.49 -24.22 8.55
C PHE C 229 13.28 -23.69 7.14
N GLU C 230 14.17 -24.06 6.23
CA GLU C 230 14.10 -23.53 4.88
C GLU C 230 13.12 -24.29 3.99
N GLU C 231 12.82 -25.55 4.31
CA GLU C 231 12.11 -26.43 3.37
C GLU C 231 10.67 -26.77 3.78
N LEU C 232 10.26 -26.47 5.01
CA LEU C 232 8.98 -26.96 5.54
C LEU C 232 8.18 -25.80 6.09
N LEU C 233 6.97 -25.60 5.58
CA LEU C 233 6.09 -24.53 6.02
C LEU C 233 4.83 -25.10 6.66
N LYS C 234 4.51 -24.61 7.85
CA LYS C 234 3.40 -25.11 8.66
C LYS C 234 2.28 -24.06 8.64
N VAL C 235 1.18 -24.37 7.97
CA VAL C 235 0.05 -23.46 7.82
C VAL C 235 -1.14 -24.02 8.61
N GLN C 236 -1.79 -23.14 9.39
CA GLN C 236 -2.68 -23.59 10.45
C GLN C 236 -4.07 -22.96 10.32
N ILE C 237 -5.05 -23.64 10.93
CA ILE C 237 -6.44 -23.17 10.96
C ILE C 237 -6.99 -23.38 12.37
N TRP C 238 -7.49 -22.31 12.99
CA TRP C 238 -8.03 -22.36 14.34
C TRP C 238 -9.39 -21.65 14.38
N GLY C 239 -10.28 -22.14 15.23
CA GLY C 239 -11.53 -21.43 15.51
C GLY C 239 -12.78 -21.99 14.87
N ARG C 240 -13.90 -21.97 15.61
CA ARG C 240 -15.19 -22.48 15.16
C ARG C 240 -15.51 -22.07 13.73
N GLN C 241 -15.62 -20.75 13.52
CA GLN C 241 -15.90 -20.20 12.19
C GLN C 241 -15.01 -20.82 11.13
N ASN C 242 -13.69 -20.82 11.36
CA ASN C 242 -12.76 -21.23 10.31
C ASN C 242 -12.78 -22.73 10.08
N LEU C 243 -12.90 -23.52 11.16
CA LEU C 243 -12.90 -24.97 10.99
C LEU C 243 -14.22 -25.47 10.41
N THR C 244 -15.33 -24.90 10.89
CA THR C 244 -16.64 -25.18 10.29
C THR C 244 -16.60 -24.92 8.79
N LEU C 245 -16.00 -23.79 8.40
CA LEU C 245 -15.93 -23.43 6.99
C LEU C 245 -15.00 -24.39 6.23
N PHE C 246 -13.91 -24.82 6.89
CA PHE C 246 -12.94 -25.68 6.21
C PHE C 246 -13.53 -27.06 5.91
N PHE C 247 -14.11 -27.70 6.93
CA PHE C 247 -14.71 -29.01 6.72
C PHE C 247 -16.00 -28.91 5.95
N GLY C 248 -16.82 -27.91 6.26
CA GLY C 248 -18.19 -27.84 5.78
C GLY C 248 -19.23 -28.25 6.79
N ASN C 249 -18.84 -28.49 8.04
CA ASN C 249 -19.73 -28.99 9.08
C ASN C 249 -19.49 -28.24 10.39
N PRO C 250 -20.54 -27.97 11.15
CA PRO C 250 -20.32 -27.52 12.55
C PRO C 250 -19.73 -28.60 13.43
N ASN C 251 -19.87 -29.88 13.05
CA ASN C 251 -19.39 -31.00 13.85
C ASN C 251 -17.97 -31.40 13.50
N TYR C 252 -17.30 -30.65 12.62
CA TYR C 252 -15.96 -31.00 12.11
C TYR C 252 -15.95 -32.45 11.61
N SER C 253 -16.97 -32.79 10.82
CA SER C 253 -17.15 -34.16 10.36
C SER C 253 -16.36 -34.40 9.07
N TYR C 254 -15.77 -35.59 8.97
CA TYR C 254 -15.06 -35.98 7.76
C TYR C 254 -14.79 -37.48 7.83
N LYS C 255 -14.30 -38.02 6.71
CA LYS C 255 -13.95 -39.42 6.60
C LYS C 255 -12.44 -39.56 6.45
N ARG C 256 -11.86 -40.55 7.14
CA ARG C 256 -10.42 -40.56 7.40
C ARG C 256 -9.59 -40.50 6.12
N GLU C 257 -10.01 -41.21 5.07
CA GLU C 257 -9.19 -41.26 3.87
C GLU C 257 -9.25 -39.97 3.04
N GLU C 258 -10.11 -39.01 3.40
CA GLU C 258 -10.20 -37.79 2.62
C GLU C 258 -9.03 -36.84 2.89
N LEU C 259 -8.49 -36.83 4.11
CA LEU C 259 -7.34 -35.97 4.39
C LEU C 259 -6.11 -36.44 3.64
N THR C 260 -5.76 -37.73 3.80
CA THR C 260 -4.60 -38.28 3.15
C THR C 260 -4.73 -38.35 1.63
N ALA C 261 -5.89 -37.98 1.07
CA ALA C 261 -6.07 -38.05 -0.37
C ALA C 261 -5.50 -36.83 -1.10
N CYS C 262 -5.46 -35.68 -0.44
CA CYS C 262 -4.84 -34.49 -1.03
C CYS C 262 -3.33 -34.41 -0.78
N ILE C 263 -2.76 -35.45 -0.16
CA ILE C 263 -1.31 -35.54 -0.10
C ILE C 263 -0.76 -35.58 -1.52
N GLY C 264 0.29 -34.81 -1.77
CA GLY C 264 0.91 -34.75 -3.08
C GLY C 264 0.33 -33.71 -4.02
N SER C 265 -0.86 -33.19 -3.74
CA SER C 265 -1.44 -32.20 -4.62
C SER C 265 -0.73 -30.86 -4.46
N ILE C 266 -0.67 -30.11 -5.57
CA ILE C 266 0.00 -28.82 -5.61
C ILE C 266 -1.06 -27.74 -5.59
N VAL C 267 -1.02 -26.88 -4.57
CA VAL C 267 -2.09 -25.92 -4.30
C VAL C 267 -1.52 -24.50 -4.32
N ASP C 268 -2.30 -23.57 -4.87
CA ASP C 268 -2.03 -22.14 -4.76
C ASP C 268 -2.75 -21.61 -3.53
N PHE C 269 -2.01 -21.33 -2.47
CA PHE C 269 -2.58 -20.76 -1.26
C PHE C 269 -2.43 -19.25 -1.25
N THR C 270 -3.34 -18.59 -0.55
CA THR C 270 -3.16 -17.21 -0.10
C THR C 270 -3.12 -17.22 1.42
N LEU C 271 -2.09 -16.58 1.98
CA LEU C 271 -1.79 -16.71 3.40
C LEU C 271 -1.83 -15.35 4.07
N ILE C 272 -2.19 -15.35 5.36
CA ILE C 272 -2.07 -14.14 6.17
C ILE C 272 -1.35 -14.49 7.47
N PRO C 273 -0.70 -13.51 8.09
CA PRO C 273 -0.07 -13.75 9.40
C PRO C 273 -1.12 -13.72 10.50
N ARG C 274 -1.09 -14.72 11.36
CA ARG C 274 -1.87 -14.72 12.58
C ARG C 274 -0.94 -15.01 13.74
N VAL C 275 -1.52 -15.22 14.91
CA VAL C 275 -0.77 -15.16 16.16
C VAL C 275 -1.38 -16.13 17.16
N LEU C 276 -0.52 -16.86 17.85
CA LEU C 276 -0.93 -17.83 18.86
C LEU C 276 -0.46 -17.35 20.22
N ARG C 277 -1.39 -17.24 21.16
CA ARG C 277 -1.07 -16.78 22.50
C ARG C 277 -0.46 -17.90 23.32
N VAL C 278 0.74 -17.67 23.85
CA VAL C 278 1.46 -18.68 24.63
C VAL C 278 1.69 -18.28 26.07
N ASN C 279 1.37 -17.05 26.46
CA ASN C 279 1.43 -16.66 27.86
C ASN C 279 0.51 -15.46 28.06
N GLU C 280 0.60 -14.83 29.23
CA GLU C 280 -0.30 -13.72 29.56
C GLU C 280 -0.12 -12.55 28.60
N TYR C 281 1.12 -12.23 28.22
CA TYR C 281 1.39 -11.10 27.34
C TYR C 281 2.45 -11.46 26.29
N LEU C 282 2.47 -12.72 25.83
CA LEU C 282 3.47 -13.19 24.89
C LEU C 282 2.82 -14.08 23.85
N TYR C 283 3.36 -14.05 22.63
CA TYR C 283 2.69 -14.64 21.47
C TYR C 283 3.73 -15.22 20.53
N ILE C 284 3.26 -16.06 19.60
CA ILE C 284 4.09 -16.58 18.51
C ILE C 284 3.37 -16.36 17.19
N LYS C 285 4.16 -16.08 16.15
CA LYS C 285 3.62 -15.86 14.81
C LYS C 285 3.35 -17.21 14.13
N ILE C 286 2.26 -17.27 13.37
CA ILE C 286 1.92 -18.43 12.56
C ILE C 286 1.34 -17.95 11.24
N TRP C 287 1.04 -18.91 10.37
CA TRP C 287 0.46 -18.65 9.06
C TRP C 287 -0.83 -19.46 8.90
N CYS C 288 -1.79 -18.88 8.19
CA CYS C 288 -3.10 -19.47 8.01
C CYS C 288 -3.53 -19.32 6.56
N PRO C 289 -4.25 -20.29 6.01
CA PRO C 289 -4.72 -20.18 4.63
C PRO C 289 -6.10 -19.54 4.61
N ILE C 290 -6.33 -18.76 3.56
CA ILE C 290 -7.55 -17.97 3.43
C ILE C 290 -8.56 -18.75 2.61
N TYR C 291 -9.74 -18.95 3.16
CA TYR C 291 -10.86 -19.61 2.49
C TYR C 291 -10.46 -20.97 1.93
N ALA C 292 -9.61 -21.68 2.66
CA ALA C 292 -9.27 -23.05 2.29
C ALA C 292 -10.36 -23.99 2.79
N THR C 293 -10.82 -24.89 1.94
CA THR C 293 -11.83 -25.86 2.31
C THR C 293 -11.41 -27.25 1.88
N LEU C 294 -11.76 -28.23 2.72
CA LEU C 294 -11.51 -29.62 2.38
C LEU C 294 -12.19 -30.01 1.07
N GLU C 295 -13.39 -29.51 0.83
CA GLU C 295 -14.10 -29.85 -0.40
C GLU C 295 -13.32 -29.38 -1.62
N SER C 296 -12.84 -28.14 -1.60
CA SER C 296 -12.12 -27.61 -2.76
C SER C 296 -10.76 -28.28 -2.93
N LEU C 297 -10.07 -28.59 -1.83
CA LEU C 297 -8.87 -29.42 -1.92
C LEU C 297 -9.20 -30.75 -2.58
N LEU C 298 -10.25 -31.42 -2.10
CA LEU C 298 -10.58 -32.77 -2.56
C LEU C 298 -11.00 -32.75 -4.03
N ILE C 299 -11.75 -31.74 -4.44
CA ILE C 299 -12.08 -31.57 -5.85
C ILE C 299 -10.82 -31.30 -6.66
N HIS C 300 -10.00 -30.36 -6.18
CA HIS C 300 -8.76 -29.99 -6.86
C HIS C 300 -7.85 -31.21 -7.04
N SER C 301 -7.92 -32.16 -6.11
CA SER C 301 -7.03 -33.31 -6.14
C SER C 301 -7.42 -34.28 -7.25
N ARG C 302 -8.71 -34.63 -7.33
CA ARG C 302 -9.17 -35.62 -8.30
C ARG C 302 -9.14 -35.13 -9.73
N LEU C 303 -8.85 -33.85 -9.96
CA LEU C 303 -8.57 -33.36 -11.31
C LEU C 303 -7.10 -33.55 -11.68
N GLU C 304 -6.21 -33.29 -10.74
CA GLU C 304 -4.77 -33.41 -10.93
C GLU C 304 -4.32 -34.86 -11.03
N LEU D 5 -25.46 -23.77 -26.82
CA LEU D 5 -24.48 -23.49 -25.78
C LEU D 5 -23.07 -23.50 -26.35
N SER D 6 -22.76 -22.50 -27.18
CA SER D 6 -21.50 -22.44 -27.90
C SER D 6 -20.37 -22.00 -26.97
N PRO D 7 -19.12 -22.29 -27.34
CA PRO D 7 -17.99 -21.90 -26.46
C PRO D 7 -17.98 -20.43 -26.08
N LYS D 8 -18.22 -19.53 -27.04
CA LYS D 8 -18.13 -18.11 -26.75
C LYS D 8 -19.36 -17.56 -26.04
N GLN D 9 -20.49 -18.26 -26.10
CA GLN D 9 -21.64 -17.89 -25.28
C GLN D 9 -21.57 -18.49 -23.88
N MET D 10 -20.72 -19.50 -23.68
CA MET D 10 -20.38 -19.91 -22.32
C MET D 10 -19.53 -18.83 -21.65
N LYS D 11 -18.62 -18.20 -22.41
CA LYS D 11 -17.81 -17.14 -21.85
C LYS D 11 -18.65 -15.91 -21.51
N ARG D 12 -19.67 -15.61 -22.32
CA ARG D 12 -20.60 -14.54 -21.97
C ARG D 12 -21.33 -14.85 -20.68
N GLU D 13 -21.71 -16.12 -20.49
CA GLU D 13 -22.49 -16.50 -19.32
C GLU D 13 -21.67 -16.42 -18.05
N ILE D 14 -20.40 -16.81 -18.13
CA ILE D 14 -19.52 -16.75 -16.96
C ILE D 14 -19.19 -15.30 -16.62
N LEU D 15 -18.77 -14.53 -17.62
CA LEU D 15 -18.36 -13.14 -17.38
C LEU D 15 -19.48 -12.33 -16.75
N GLY D 16 -20.72 -12.55 -17.20
CA GLY D 16 -21.84 -11.85 -16.61
C GLY D 16 -22.14 -12.29 -15.19
N VAL D 17 -21.97 -13.59 -14.92
CA VAL D 17 -22.12 -14.08 -13.55
C VAL D 17 -21.07 -13.46 -12.64
N LEU D 18 -19.82 -13.36 -13.11
CA LEU D 18 -18.77 -12.74 -12.32
C LEU D 18 -19.06 -11.27 -12.07
N ILE D 19 -19.66 -10.59 -13.06
CA ILE D 19 -19.95 -9.16 -12.92
C ILE D 19 -21.00 -8.93 -11.84
N GLU D 20 -22.10 -9.68 -11.90
CA GLU D 20 -23.15 -9.53 -10.90
C GLU D 20 -22.62 -9.87 -9.51
N LYS D 21 -21.82 -10.92 -9.41
CA LYS D 21 -21.22 -11.28 -8.12
C LYS D 21 -20.34 -10.15 -7.59
N SER D 22 -19.55 -9.52 -8.46
CA SER D 22 -18.56 -8.55 -8.02
C SER D 22 -19.17 -7.26 -7.48
N MET D 23 -20.46 -7.03 -7.70
CA MET D 23 -21.13 -5.91 -7.03
C MET D 23 -21.56 -6.25 -5.62
N GLU D 24 -21.83 -7.53 -5.34
CA GLU D 24 -22.18 -7.94 -3.99
C GLU D 24 -20.95 -8.04 -3.11
N SER D 25 -19.93 -8.78 -3.57
CA SER D 25 -18.72 -9.04 -2.79
C SER D 25 -17.53 -9.05 -3.74
N LYS D 26 -16.35 -8.81 -3.19
CA LYS D 26 -15.13 -8.81 -3.99
C LYS D 26 -14.52 -10.19 -4.13
N VAL D 27 -15.13 -11.23 -3.57
CA VAL D 27 -14.57 -12.59 -3.58
C VAL D 27 -15.69 -13.60 -3.80
N CYS D 28 -15.36 -14.71 -4.45
CA CYS D 28 -16.25 -15.86 -4.51
C CYS D 28 -15.42 -17.11 -4.75
N LYS D 29 -16.03 -18.26 -4.46
CA LYS D 29 -15.36 -19.54 -4.70
C LYS D 29 -15.17 -19.75 -6.19
N ILE D 30 -14.10 -20.49 -6.53
CA ILE D 30 -13.74 -20.64 -7.94
C ILE D 30 -14.84 -21.30 -8.75
N TYR D 31 -15.55 -22.25 -8.16
CA TYR D 31 -16.53 -23.04 -8.91
C TYR D 31 -17.96 -22.56 -8.72
N GLU D 32 -18.21 -21.68 -7.76
CA GLU D 32 -19.53 -21.07 -7.63
C GLU D 32 -20.10 -20.52 -8.94
N PRO D 33 -19.35 -19.85 -9.82
CA PRO D 33 -19.95 -19.43 -11.09
C PRO D 33 -20.35 -20.60 -11.98
N LEU D 34 -19.50 -21.63 -12.06
CA LEU D 34 -19.88 -22.85 -12.79
C LEU D 34 -21.10 -23.52 -12.15
N LEU D 35 -21.26 -23.36 -10.83
CA LEU D 35 -22.43 -23.95 -10.15
C LEU D 35 -23.71 -23.21 -10.49
N SER D 36 -23.65 -21.89 -10.70
CA SER D 36 -24.87 -21.12 -10.92
C SER D 36 -25.38 -21.22 -12.36
N ILE D 37 -24.55 -21.72 -13.28
CA ILE D 37 -25.01 -21.95 -14.64
C ILE D 37 -25.73 -23.28 -14.74
N ASN D 38 -25.16 -24.33 -14.14
CA ASN D 38 -25.57 -25.70 -14.41
C ASN D 38 -26.84 -26.11 -13.70
N LEU D 39 -27.25 -25.40 -12.65
CA LEU D 39 -28.53 -25.67 -12.00
C LEU D 39 -29.58 -24.60 -12.27
N GLY D 40 -29.15 -23.35 -12.46
CA GLY D 40 -30.09 -22.29 -12.81
C GLY D 40 -30.54 -22.36 -14.25
N GLU D 51 -18.07 -35.32 -12.56
CA GLU D 51 -18.24 -34.42 -13.68
C GLU D 51 -16.96 -34.42 -14.52
N PRO D 52 -17.10 -34.17 -15.83
CA PRO D 52 -15.98 -34.44 -16.75
C PRO D 52 -14.81 -33.48 -16.55
N VAL D 53 -13.61 -34.06 -16.47
CA VAL D 53 -12.41 -33.27 -16.26
C VAL D 53 -12.09 -32.40 -17.47
N LEU D 54 -12.42 -32.88 -18.68
CA LEU D 54 -12.11 -32.09 -19.87
C LEU D 54 -12.90 -30.79 -19.91
N HIS D 55 -14.11 -30.79 -19.33
CA HIS D 55 -14.99 -29.64 -19.45
C HIS D 55 -14.49 -28.47 -18.61
N LEU D 56 -14.39 -28.66 -17.29
CA LEU D 56 -14.02 -27.56 -16.40
C LEU D 56 -12.56 -27.14 -16.57
N LYS D 57 -11.76 -27.90 -17.32
CA LYS D 57 -10.49 -27.36 -17.78
C LYS D 57 -10.72 -26.13 -18.65
N PHE D 58 -11.68 -26.21 -19.56
CA PHE D 58 -12.06 -25.07 -20.39
C PHE D 58 -12.53 -23.91 -19.52
N TYR D 59 -13.24 -24.21 -18.43
CA TYR D 59 -13.70 -23.16 -17.53
C TYR D 59 -12.50 -22.51 -16.82
N GLU D 60 -11.48 -23.30 -16.48
CA GLU D 60 -10.33 -22.73 -15.79
C GLU D 60 -9.36 -22.09 -16.77
N THR D 61 -9.37 -22.53 -18.04
CA THR D 61 -8.59 -21.83 -19.07
C THR D 61 -9.11 -20.43 -19.30
N PHE D 62 -10.42 -20.22 -19.12
CA PHE D 62 -11.02 -18.91 -19.31
C PHE D 62 -10.68 -18.00 -18.12
N LEU D 63 -10.76 -18.54 -16.90
CA LEU D 63 -10.36 -17.78 -15.72
C LEU D 63 -8.90 -17.36 -15.83
N ALA D 64 -8.05 -18.23 -16.40
CA ALA D 64 -6.64 -17.87 -16.57
C ALA D 64 -6.50 -16.72 -17.57
N GLN D 65 -7.32 -16.73 -18.63
CA GLN D 65 -7.23 -15.65 -19.61
C GLN D 65 -7.69 -14.32 -19.02
N LEU D 66 -8.73 -14.35 -18.18
CA LEU D 66 -9.15 -13.13 -17.50
C LEU D 66 -8.08 -12.69 -16.50
N ALA D 67 -7.44 -13.64 -15.83
CA ALA D 67 -6.37 -13.28 -14.90
C ALA D 67 -5.15 -12.74 -15.63
N GLU D 68 -4.89 -13.22 -16.86
CA GLU D 68 -3.81 -12.69 -17.65
C GLU D 68 -3.99 -11.20 -17.95
N MET D 69 -5.21 -10.69 -17.88
CA MET D 69 -5.48 -9.29 -18.10
C MET D 69 -5.59 -8.49 -16.80
N ALA D 70 -5.52 -9.17 -15.64
CA ALA D 70 -5.57 -8.59 -14.30
C ALA D 70 -6.97 -8.12 -13.90
N ILE D 71 -8.02 -8.55 -14.61
CA ILE D 71 -9.37 -8.21 -14.15
C ILE D 71 -9.81 -9.11 -13.00
N ILE D 72 -9.14 -10.26 -12.80
CA ILE D 72 -9.31 -11.09 -11.62
C ILE D 72 -7.96 -11.70 -11.26
N THR D 73 -7.86 -12.19 -10.03
CA THR D 73 -6.74 -13.00 -9.57
C THR D 73 -7.28 -14.26 -8.90
N LEU D 74 -6.41 -15.25 -8.66
CA LEU D 74 -6.92 -16.61 -8.45
C LEU D 74 -6.11 -17.41 -7.44
N ASP D 75 -6.82 -18.08 -6.52
CA ASP D 75 -6.27 -19.16 -5.73
C ASP D 75 -6.52 -20.49 -6.43
N SER D 76 -6.34 -21.58 -5.69
CA SER D 76 -7.04 -22.84 -5.90
C SER D 76 -8.41 -22.86 -5.23
N PHE D 77 -8.72 -21.84 -4.42
CA PHE D 77 -9.97 -21.78 -3.67
C PHE D 77 -10.92 -20.68 -4.13
N THR D 78 -10.43 -19.46 -4.37
CA THR D 78 -11.32 -18.33 -4.58
C THR D 78 -10.84 -17.43 -5.72
N ILE D 79 -11.79 -16.66 -6.26
CA ILE D 79 -11.53 -15.63 -7.26
C ILE D 79 -11.61 -14.28 -6.58
N ASN D 80 -10.61 -13.43 -6.80
CA ASN D 80 -10.62 -12.05 -6.30
C ASN D 80 -11.12 -11.16 -7.43
N MET D 81 -12.31 -10.57 -7.24
CA MET D 81 -12.94 -9.75 -8.27
C MET D 81 -12.80 -8.26 -7.99
N THR D 82 -11.83 -7.87 -7.15
CA THR D 82 -11.65 -6.46 -6.80
C THR D 82 -11.49 -5.58 -8.04
N ASN D 83 -10.57 -5.96 -8.93
CA ASN D 83 -10.35 -5.18 -10.14
C ASN D 83 -11.57 -5.18 -11.04
N LEU D 84 -12.32 -6.29 -11.07
CA LEU D 84 -13.57 -6.32 -11.82
C LEU D 84 -14.60 -5.39 -11.19
N HIS D 85 -14.67 -5.39 -9.86
CA HIS D 85 -15.64 -4.56 -9.15
C HIS D 85 -15.43 -3.08 -9.49
N ASN D 86 -14.18 -2.61 -9.38
CA ASN D 86 -13.89 -1.19 -9.62
C ASN D 86 -13.95 -0.84 -11.09
N CYS D 87 -13.71 -1.81 -11.98
CA CYS D 87 -13.87 -1.54 -13.40
C CYS D 87 -15.34 -1.41 -13.78
N TYR D 88 -16.19 -2.31 -13.26
CA TYR D 88 -17.60 -2.24 -13.58
C TYR D 88 -18.29 -1.07 -12.89
N ARG D 89 -17.79 -0.68 -11.71
CA ARG D 89 -18.34 0.49 -11.03
C ARG D 89 -18.12 1.75 -11.86
N TYR D 90 -17.01 1.84 -12.59
CA TYR D 90 -16.80 2.97 -13.47
C TYR D 90 -17.77 2.94 -14.64
N ILE D 91 -18.05 1.75 -15.16
CA ILE D 91 -18.98 1.62 -16.29
C ILE D 91 -20.37 2.03 -15.86
N ILE D 92 -20.80 1.62 -14.67
CA ILE D 92 -22.06 2.09 -14.11
C ILE D 92 -22.06 3.60 -14.04
N THR D 93 -21.05 4.17 -13.38
CA THR D 93 -20.95 5.62 -13.22
C THR D 93 -21.02 6.34 -14.56
N ARG D 94 -20.20 5.89 -15.51
CA ARG D 94 -20.12 6.57 -16.80
C ARG D 94 -21.44 6.50 -17.55
N PHE D 95 -22.05 5.31 -17.62
CA PHE D 95 -23.16 5.13 -18.54
C PHE D 95 -24.50 5.50 -17.92
N GLN D 96 -24.64 5.37 -16.60
CA GLN D 96 -25.82 5.89 -15.94
C GLN D 96 -25.88 7.41 -16.06
N SER D 97 -24.72 8.06 -16.06
CA SER D 97 -24.67 9.50 -16.27
C SER D 97 -25.23 9.86 -17.64
N LEU D 98 -24.87 9.10 -18.68
CA LEU D 98 -25.32 9.41 -20.03
C LEU D 98 -26.80 9.11 -20.20
N ILE D 99 -27.32 8.10 -19.50
CA ILE D 99 -28.71 7.70 -19.66
C ILE D 99 -29.64 8.76 -19.09
N ASN D 100 -29.27 9.35 -17.95
CA ASN D 100 -30.16 10.29 -17.27
C ASN D 100 -30.28 11.60 -18.04
N VAL D 101 -29.22 12.01 -18.73
CA VAL D 101 -29.31 13.14 -19.64
C VAL D 101 -29.95 12.73 -20.97
N GLN D 102 -29.99 11.42 -21.26
CA GLN D 102 -30.54 10.87 -22.51
C GLN D 102 -29.75 11.37 -23.72
N ILE D 103 -28.43 11.24 -23.62
CA ILE D 103 -27.52 11.52 -24.73
C ILE D 103 -27.73 10.48 -25.82
N PRO D 104 -27.83 10.90 -27.10
CA PRO D 104 -28.10 9.90 -28.14
C PRO D 104 -26.94 8.98 -28.44
N GLN D 105 -25.71 9.48 -28.47
CA GLN D 105 -24.56 8.65 -28.77
C GLN D 105 -23.32 9.22 -28.11
N ILE D 106 -22.34 8.35 -27.89
CA ILE D 106 -21.07 8.74 -27.28
C ILE D 106 -19.96 7.97 -27.97
N THR D 107 -18.85 8.65 -28.24
CA THR D 107 -17.62 8.02 -28.67
C THR D 107 -16.69 7.88 -27.47
N ILE D 108 -16.15 6.68 -27.29
CA ILE D 108 -15.39 6.36 -26.08
C ILE D 108 -14.05 5.73 -26.45
N LYS D 109 -12.98 6.22 -25.83
CA LYS D 109 -11.65 5.64 -25.99
C LYS D 109 -11.47 4.49 -25.00
N TYR D 110 -10.94 3.37 -25.49
CA TYR D 110 -10.64 2.25 -24.59
C TYR D 110 -9.67 2.67 -23.50
N SER D 111 -8.70 3.52 -23.84
CA SER D 111 -7.72 3.99 -22.87
C SER D 111 -8.38 4.68 -21.68
N GLU D 112 -9.57 5.24 -21.88
CA GLU D 112 -10.29 5.91 -20.80
C GLU D 112 -10.55 4.95 -19.64
N ILE D 113 -10.98 3.72 -19.95
CA ILE D 113 -11.34 2.77 -18.91
C ILE D 113 -10.09 2.11 -18.32
N ARG D 114 -9.12 1.80 -19.18
CA ARG D 114 -7.86 1.27 -18.67
C ARG D 114 -7.18 2.25 -17.72
N ASN D 115 -7.13 3.53 -18.10
CA ASN D 115 -6.38 4.49 -17.29
C ASN D 115 -7.10 4.82 -16.00
N PHE D 116 -8.43 4.88 -16.02
CA PHE D 116 -9.17 5.16 -14.79
C PHE D 116 -9.00 4.03 -13.79
N CYS D 117 -9.05 2.78 -14.26
CA CYS D 117 -8.90 1.62 -13.38
C CYS D 117 -7.46 1.13 -13.26
N LYS D 118 -6.53 1.66 -14.05
CA LYS D 118 -5.14 1.22 -14.04
C LYS D 118 -5.04 -0.27 -14.39
N LEU D 119 -5.82 -0.67 -15.40
CA LEU D 119 -5.83 -2.04 -15.91
C LEU D 119 -5.48 -2.01 -17.39
N PRO D 120 -4.19 -1.76 -17.72
CA PRO D 120 -3.84 -1.47 -19.11
C PRO D 120 -3.84 -2.69 -20.04
N LEU D 121 -3.93 -3.91 -19.50
CA LEU D 121 -4.00 -5.10 -20.33
C LEU D 121 -5.43 -5.49 -20.69
N LEU D 122 -6.42 -4.68 -20.31
CA LEU D 122 -7.79 -4.95 -20.73
C LEU D 122 -7.91 -4.87 -22.24
N SER D 123 -8.56 -5.87 -22.84
CA SER D 123 -8.74 -5.97 -24.28
C SER D 123 -10.04 -5.29 -24.69
N LYS D 124 -10.09 -4.91 -25.98
CA LYS D 124 -11.30 -4.36 -26.58
C LYS D 124 -12.51 -5.25 -26.30
N LYS D 125 -12.38 -6.55 -26.65
CA LYS D 125 -13.48 -7.48 -26.48
C LYS D 125 -14.04 -7.47 -25.07
N LEU D 126 -13.18 -7.50 -24.06
CA LEU D 126 -13.64 -7.56 -22.68
C LEU D 126 -14.37 -6.28 -22.29
N ILE D 127 -13.87 -5.13 -22.74
CA ILE D 127 -14.49 -3.86 -22.37
C ILE D 127 -15.87 -3.73 -23.01
N LEU D 128 -16.01 -4.16 -24.25
CA LEU D 128 -17.32 -4.11 -24.90
C LEU D 128 -18.30 -5.04 -24.23
N GLN D 129 -17.83 -6.21 -23.79
CA GLN D 129 -18.72 -7.16 -23.14
C GLN D 129 -19.23 -6.63 -21.81
N MET D 130 -18.36 -5.96 -21.04
CA MET D 130 -18.80 -5.41 -19.76
C MET D 130 -19.80 -4.28 -19.97
N CYS D 131 -19.55 -3.40 -20.94
CA CYS D 131 -20.50 -2.34 -21.26
C CYS D 131 -21.82 -2.93 -21.75
N LYS D 132 -21.75 -3.87 -22.70
CA LYS D 132 -22.96 -4.52 -23.19
C LYS D 132 -23.77 -5.12 -22.04
N HIS D 133 -23.08 -5.76 -21.08
CA HIS D 133 -23.77 -6.39 -19.97
C HIS D 133 -24.53 -5.36 -19.16
N PHE D 134 -23.91 -4.22 -18.87
CA PHE D 134 -24.61 -3.16 -18.15
C PHE D 134 -25.82 -2.67 -18.93
N LEU D 135 -25.66 -2.46 -20.23
CA LEU D 135 -26.76 -1.95 -21.03
C LEU D 135 -27.91 -2.95 -21.10
N ASN D 136 -27.62 -4.24 -20.91
CA ASN D 136 -28.69 -5.23 -20.78
C ASN D 136 -29.24 -5.29 -19.36
N THR D 137 -28.44 -4.89 -18.38
CA THR D 137 -28.77 -5.06 -16.96
C THR D 137 -29.60 -3.92 -16.40
N THR D 138 -29.19 -2.67 -16.67
CA THR D 138 -29.68 -1.53 -15.92
C THR D 138 -31.21 -1.38 -16.02
N HIS D 139 -31.83 -0.94 -14.93
CA HIS D 139 -33.27 -0.68 -14.89
C HIS D 139 -33.62 0.79 -14.78
N ILE D 140 -32.69 1.65 -14.37
CA ILE D 140 -32.98 3.04 -14.06
C ILE D 140 -32.80 3.87 -15.33
N GLY D 141 -33.77 4.74 -15.60
CA GLY D 141 -33.79 5.50 -16.83
C GLY D 141 -34.81 4.96 -17.81
N ASN D 142 -34.89 5.61 -18.96
CA ASN D 142 -35.85 5.25 -20.00
C ASN D 142 -35.18 4.57 -21.19
N LEU D 143 -33.96 4.07 -21.01
CA LEU D 143 -33.28 3.31 -22.06
C LEU D 143 -34.11 2.09 -22.43
N ILE D 144 -34.16 1.78 -23.72
CA ILE D 144 -34.95 0.64 -24.18
C ILE D 144 -34.27 -0.07 -25.33
N ASP D 145 -33.26 0.57 -25.93
CA ASP D 145 -32.48 -0.07 -26.98
C ASP D 145 -31.12 0.62 -27.06
N TRP D 146 -30.16 -0.10 -27.64
CA TRP D 146 -28.79 0.42 -27.75
C TRP D 146 -28.05 -0.34 -28.83
N TRP D 147 -26.89 0.19 -29.19
CA TRP D 147 -26.04 -0.39 -30.22
C TRP D 147 -24.61 0.05 -29.97
N VAL D 148 -23.66 -0.85 -30.21
CA VAL D 148 -22.25 -0.61 -29.97
C VAL D 148 -21.50 -0.78 -31.28
N ASP D 149 -20.68 0.21 -31.62
CA ASP D 149 -19.89 0.19 -32.84
C ASP D 149 -18.41 0.04 -32.48
N PRO D 150 -17.77 -1.08 -32.80
CA PRO D 150 -16.31 -1.20 -32.59
C PRO D 150 -15.54 -0.48 -33.68
N THR D 151 -15.45 0.85 -33.55
CA THR D 151 -15.01 1.69 -34.66
C THR D 151 -13.53 1.52 -34.96
N SER D 152 -12.69 1.45 -33.94
CA SER D 152 -11.26 1.62 -34.18
C SER D 152 -10.45 0.90 -33.10
N GLU D 153 -9.13 0.95 -33.26
CA GLU D 153 -8.21 0.40 -32.27
C GLU D 153 -8.29 1.17 -30.96
N GLU D 154 -8.57 2.47 -31.01
CA GLU D 154 -8.60 3.31 -29.83
C GLU D 154 -10.00 3.68 -29.38
N ARG D 155 -11.00 3.54 -30.24
CA ARG D 155 -12.32 4.12 -29.98
C ARG D 155 -13.42 3.13 -30.32
N TYR D 156 -14.53 3.29 -29.61
CA TYR D 156 -15.80 2.66 -29.95
C TYR D 156 -16.93 3.65 -29.70
N LYS D 157 -18.05 3.42 -30.38
CA LYS D 157 -19.25 4.24 -30.24
C LYS D 157 -20.35 3.41 -29.57
N VAL D 158 -21.17 4.10 -28.79
CA VAL D 158 -22.38 3.51 -28.20
C VAL D 158 -23.55 4.44 -28.54
N PHE D 159 -24.61 3.86 -29.07
CA PHE D 159 -25.81 4.60 -29.45
C PHE D 159 -26.96 4.22 -28.51
N PHE D 160 -27.71 5.22 -28.05
CA PHE D 160 -28.76 5.01 -27.07
C PHE D 160 -30.13 5.36 -27.64
N THR D 161 -31.15 4.64 -27.20
CA THR D 161 -32.54 4.87 -27.58
C THR D 161 -33.42 4.82 -26.34
N TYR D 162 -34.38 5.74 -26.26
CA TYR D 162 -35.19 5.92 -25.06
C TYR D 162 -36.68 5.87 -25.41
N SER D 163 -37.49 5.55 -24.41
CA SER D 163 -38.93 5.47 -24.65
C SER D 163 -39.62 6.80 -24.44
N LYS D 164 -39.21 7.56 -23.44
CA LYS D 164 -39.76 8.88 -23.16
C LYS D 164 -38.73 9.95 -23.55
N SER D 165 -39.14 11.20 -23.43
CA SER D 165 -38.26 12.34 -23.69
C SER D 165 -38.32 13.34 -22.54
C1 GOL E . -4.35 28.52 7.89
O1 GOL E . -3.13 28.63 7.22
C2 GOL E . -5.44 28.68 6.82
O2 GOL E . -6.68 28.93 7.35
C3 GOL E . -4.95 29.85 5.95
O3 GOL E . -6.07 30.57 5.58
#